data_6KR7
#
_entry.id   6KR7
#
_cell.length_a   136.818
_cell.length_b   136.818
_cell.length_c   437.266
_cell.angle_alpha   90.000
_cell.angle_beta   90.000
_cell.angle_gamma   120.000
#
_symmetry.space_group_name_H-M   'P 65 2 2'
#
loop_
_entity.id
_entity.type
_entity.pdbx_description
1 polymer 'Leucine--tRNA ligase, cytoplasmic'
2 non-polymer LEUCINE
3 non-polymer "5'-O-(L-leucylsulfamoyl)adenosine"
4 non-polymer 'PHOSPHATE ION'
5 water water
#
_entity_poly.entity_id   1
_entity_poly.type   'polypeptide(L)'
_entity_poly.pdbx_seq_one_letter_code
;MRGSHHHHHHGSMAERKGTAKVDFLKKIEKEIQQKWDTERVFEVNASNLEKQTSKGKYFVTFPYPYMNGRLHLGHTFSLS
KCEFAVGYQRLKGKCCLFPFGLHCTGMPIKACADKLKREIELYGCPPDFPDEEEEEEETSVKTEDIIIKDKAKGKKSKAA
AKAGSSKYQWGIMKSLGLSDEEIVKFSEAEHWLDYFPPLAIQDLKRMGLKVDWRRSFITTDVNPYYDSFVRWQFLTLRER
NKIKFGKRYTIYSPKDGQPCMDHDRQTGEGVGPQEYTLLKLKVLEPYPSKLSGLKGKNIFLVAATLRPETMFGQTNCWVR
PDMKYIGFETVNGDIFICTQKAARNMSYQGFTKDNGVVPVVKELMGEEILGASLSAPLTSYKVIYVLPMLTIKEDKGTGV
VTSVPSDSPDDIAALRDLKKKQALRAKYGIRDDMVLPFEPVPVIEIPGFGNLSAVTICDELKIQSQNDREKLAEAKEKIY
LKGFYEGIMLVDGFKGQKVQDVKKTIQKKMIDAGDALIYMEPEKQVMSRSSDECVVALCDQWYLDYGEENWKKQTSQCLK
NLETFCEETRRNFEATLGWLQEHACSRTYGLGTHLPWDEQWLIESLSDSTIYMAFYTVAHLLQGGNLHGQAESPLGIRPQ
QMTKEVWDYVFFKEAPFPKTQIAKEKLDQLKQEFEFWYPVDLRVSGKDLVPNHLSYYLYNHVAMWPEQSDKWPTAVRANG
HLLLNSEKMSKSTGNFLTLTQAIDKFSADGMRLALADAGDTVEDANFVEAMADAGILRLYTWVEWVKEMVANWDSLRSGP
ASTFNDRVFASELNAGIIKTDQNYEKMMFKEALKTGFFEFQAAKDKYRELAVEGMHRELVFRFIEVQTLLLAPFCPHLCE
HIWTLLGKPDSIMNASWPVAGPVNEVLIHSSQYLMEVTHDLRLRLKNYMMPAKGKKTDKQPLQKPSHCTIYVAKNYPPWQ
HTTLSVLRKHFEANNGKLPDNKVIASELGSMPELKKYMKKVMPFVAMIKENLEKMGPRILDLQLEFDEKAVLMENIVYLT
NSLELEHIEVKFASEAEDKIREDCCPGKPLNVFRIEPGVSVSLVNPQPSNGHFSTKIEIRQGDNCDSIIRRLMKMNRGIK
DLSKVKLMRFDDPLLGPRRVPVLGKEYTEKTPISEHAVFNVDLMSKKIHLTENGIRVDIGDTIIYLVH
;
_entity_poly.pdbx_strand_id   A
#
loop_
_chem_comp.id
_chem_comp.type
_chem_comp.name
_chem_comp.formula
LSS non-polymer 5'-O-(L-leucylsulfamoyl)adenosine 'C16 H25 N7 O7 S'
PO4 non-polymer 'PHOSPHATE ION' 'O4 P -3'
#
# COMPACT_ATOMS: atom_id res chain seq x y z
N THR A 19 -28.27 21.05 -0.94
CA THR A 19 -28.69 19.84 -1.63
C THR A 19 -28.74 20.06 -3.14
N ALA A 20 -29.45 21.11 -3.56
CA ALA A 20 -29.53 21.44 -4.98
C ALA A 20 -28.16 21.78 -5.57
N LYS A 21 -27.20 22.14 -4.73
CA LYS A 21 -25.85 22.44 -5.20
C LYS A 21 -25.23 21.21 -5.84
N VAL A 22 -25.37 20.05 -5.21
CA VAL A 22 -24.83 18.80 -5.74
C VAL A 22 -25.52 18.44 -7.05
N ASP A 23 -26.82 18.70 -7.15
CA ASP A 23 -27.55 18.41 -8.38
C ASP A 23 -27.08 19.30 -9.51
N PHE A 24 -26.87 20.59 -9.23
CA PHE A 24 -26.30 21.50 -10.22
C PHE A 24 -24.93 21.02 -10.67
N LEU A 25 -24.10 20.58 -9.72
CA LEU A 25 -22.79 20.05 -10.05
C LEU A 25 -22.90 18.84 -10.98
N LYS A 26 -23.83 17.92 -10.68
CA LYS A 26 -23.98 16.72 -11.50
C LYS A 26 -24.49 17.06 -12.90
N LYS A 27 -25.40 18.04 -13.00
CA LYS A 27 -25.84 18.49 -14.32
C LYS A 27 -24.66 19.02 -15.14
N ILE A 28 -23.85 19.89 -14.52
CA ILE A 28 -22.67 20.41 -15.19
C ILE A 28 -21.76 19.26 -15.62
N GLU A 29 -21.57 18.27 -14.75
CA GLU A 29 -20.70 17.14 -15.07
C GLU A 29 -21.21 16.39 -16.29
N LYS A 30 -22.52 16.07 -16.31
CA LYS A 30 -23.06 15.31 -17.43
C LYS A 30 -22.96 16.07 -18.74
N GLU A 31 -23.25 17.37 -18.72
CA GLU A 31 -23.15 18.18 -19.94
C GLU A 31 -21.70 18.23 -20.43
N ILE A 32 -20.77 18.49 -19.52
CA ILE A 32 -19.36 18.61 -19.92
C ILE A 32 -18.81 17.26 -20.35
N GLN A 33 -19.35 16.15 -19.83
CA GLN A 33 -18.91 14.84 -20.28
C GLN A 33 -19.42 14.52 -21.68
N GLN A 34 -20.68 14.89 -21.96
CA GLN A 34 -21.15 14.81 -23.34
C GLN A 34 -20.26 15.62 -24.27
N LYS A 35 -19.86 16.81 -23.83
CA LYS A 35 -18.95 17.64 -24.64
C LYS A 35 -17.62 16.94 -24.87
N TRP A 36 -17.00 16.43 -23.80
CA TRP A 36 -15.70 15.79 -23.90
C TRP A 36 -15.76 14.54 -24.77
N ASP A 37 -16.88 13.84 -24.77
CA ASP A 37 -17.01 12.65 -25.62
C ASP A 37 -17.19 13.04 -27.07
N THR A 38 -18.13 13.94 -27.36
CA THR A 38 -18.38 14.34 -28.74
C THR A 38 -17.15 14.99 -29.37
N GLU A 39 -16.37 15.73 -28.59
CA GLU A 39 -15.16 16.35 -29.13
C GLU A 39 -14.00 15.38 -29.21
N ARG A 40 -14.06 14.25 -28.50
CA ARG A 40 -13.01 13.23 -28.53
C ARG A 40 -11.65 13.83 -28.18
N VAL A 41 -11.63 14.68 -27.16
CA VAL A 41 -10.41 15.42 -26.83
C VAL A 41 -9.37 14.53 -26.17
N PHE A 42 -9.80 13.44 -25.52
CA PHE A 42 -8.89 12.57 -24.81
C PHE A 42 -8.35 11.43 -25.66
N GLU A 43 -8.73 11.36 -26.93
CA GLU A 43 -8.22 10.34 -27.85
C GLU A 43 -6.91 10.83 -28.45
N VAL A 44 -5.82 10.17 -28.09
CA VAL A 44 -4.48 10.52 -28.56
C VAL A 44 -3.98 9.44 -29.48
N ASN A 45 -3.25 9.84 -30.53
CA ASN A 45 -2.71 8.91 -31.51
C ASN A 45 -1.28 9.32 -31.85
N ALA A 46 -0.39 8.33 -31.90
CA ALA A 46 1.01 8.60 -32.22
C ALA A 46 1.20 9.05 -33.66
N SER A 47 0.25 8.73 -34.55
CA SER A 47 0.37 9.18 -35.94
C SER A 47 0.29 10.69 -36.05
N ASN A 48 -0.46 11.35 -35.16
CA ASN A 48 -0.60 12.80 -35.19
C ASN A 48 0.40 13.49 -34.28
N LEU A 49 0.63 12.95 -33.09
CA LEU A 49 1.39 13.66 -32.06
C LEU A 49 2.90 13.50 -32.21
N GLU A 50 3.37 12.57 -33.03
CA GLU A 50 4.81 12.46 -33.24
C GLU A 50 5.35 13.53 -34.18
N LYS A 51 4.48 14.15 -34.98
CA LYS A 51 4.92 15.20 -35.89
C LYS A 51 5.14 16.52 -35.17
N GLN A 52 4.44 16.74 -34.06
CA GLN A 52 4.60 17.94 -33.23
C GLN A 52 5.26 17.49 -31.92
N THR A 53 6.59 17.61 -31.86
CA THR A 53 7.32 17.32 -30.65
C THR A 53 7.10 18.44 -29.64
N SER A 54 6.07 18.35 -28.81
CA SER A 54 5.68 19.48 -27.98
C SER A 54 6.56 19.59 -26.75
N LYS A 55 6.48 18.61 -25.84
CA LYS A 55 7.31 18.61 -24.65
C LYS A 55 7.69 17.20 -24.20
N GLY A 56 7.41 16.18 -25.00
CA GLY A 56 7.63 14.81 -24.60
C GLY A 56 6.34 14.14 -24.16
N LYS A 57 6.41 12.81 -24.05
CA LYS A 57 5.24 12.01 -23.71
C LYS A 57 5.18 11.75 -22.20
N TYR A 58 3.99 11.40 -21.74
CA TYR A 58 3.77 11.03 -20.34
C TYR A 58 2.77 9.89 -20.30
N PHE A 59 3.26 8.69 -19.99
CA PHE A 59 2.46 7.47 -20.03
C PHE A 59 2.15 7.05 -18.59
N VAL A 60 0.88 7.11 -18.20
CA VAL A 60 0.46 6.63 -16.89
C VAL A 60 -0.37 5.38 -17.08
N THR A 61 -0.27 4.48 -16.10
CA THR A 61 -1.02 3.24 -16.14
C THR A 61 -1.63 2.97 -14.77
N PHE A 62 -2.85 2.45 -14.77
CA PHE A 62 -3.49 1.96 -13.57
C PHE A 62 -3.70 0.46 -13.73
N PRO A 63 -3.16 -0.38 -12.85
CA PRO A 63 -3.38 -1.83 -12.96
C PRO A 63 -4.86 -2.16 -12.95
N TYR A 64 -5.32 -2.82 -14.02
CA TYR A 64 -6.74 -3.04 -14.19
C TYR A 64 -7.30 -3.85 -13.03
N PRO A 65 -8.43 -3.43 -12.45
CA PRO A 65 -9.03 -4.20 -11.35
C PRO A 65 -9.86 -5.36 -11.86
N TYR A 66 -10.13 -6.30 -10.96
CA TYR A 66 -10.97 -7.44 -11.27
C TYR A 66 -12.44 -7.03 -11.34
N MET A 67 -13.20 -7.72 -12.19
CA MET A 67 -14.61 -7.42 -12.41
C MET A 67 -15.53 -8.31 -11.60
N ASN A 68 -15.08 -8.80 -10.45
CA ASN A 68 -15.95 -9.57 -9.57
C ASN A 68 -16.77 -8.64 -8.68
N GLY A 69 -17.44 -7.67 -9.30
CA GLY A 69 -18.21 -6.68 -8.57
C GLY A 69 -18.00 -5.27 -9.09
N ARG A 70 -18.82 -4.34 -8.64
CA ARG A 70 -18.65 -2.95 -9.04
C ARG A 70 -17.39 -2.36 -8.43
N LEU A 71 -16.94 -1.23 -8.98
CA LEU A 71 -15.73 -0.59 -8.50
C LEU A 71 -16.05 0.30 -7.31
N HIS A 72 -15.27 0.17 -6.23
CA HIS A 72 -15.50 0.92 -5.01
C HIS A 72 -14.53 2.09 -4.91
N LEU A 73 -14.66 2.87 -3.83
CA LEU A 73 -13.92 4.11 -3.69
C LEU A 73 -12.42 3.90 -3.53
N GLY A 74 -11.98 2.72 -3.12
CA GLY A 74 -10.56 2.46 -3.02
C GLY A 74 -9.87 2.45 -4.37
N HIS A 75 -10.49 1.76 -5.34
CA HIS A 75 -9.99 1.79 -6.71
C HIS A 75 -9.94 3.22 -7.24
N THR A 76 -10.98 4.01 -6.94
CA THR A 76 -11.03 5.40 -7.40
C THR A 76 -9.91 6.23 -6.78
N PHE A 77 -9.65 6.05 -5.50
CA PHE A 77 -8.55 6.76 -4.86
C PHE A 77 -7.22 6.35 -5.47
N SER A 78 -7.05 5.06 -5.77
CA SER A 78 -5.79 4.61 -6.34
C SER A 78 -5.57 5.15 -7.76
N LEU A 79 -6.64 5.30 -8.53
CA LEU A 79 -6.49 5.83 -9.89
C LEU A 79 -6.48 7.35 -9.94
N SER A 80 -6.99 8.01 -8.90
CA SER A 80 -6.98 9.47 -8.87
C SER A 80 -5.56 10.02 -8.95
N LYS A 81 -4.58 9.26 -8.47
CA LYS A 81 -3.18 9.69 -8.57
C LYS A 81 -2.81 10.00 -10.02
N CYS A 82 -2.91 9.00 -10.89
CA CYS A 82 -2.56 9.20 -12.29
C CYS A 82 -3.56 10.12 -12.99
N GLU A 83 -4.82 10.14 -12.55
CA GLU A 83 -5.78 11.08 -13.14
C GLU A 83 -5.33 12.52 -12.93
N PHE A 84 -5.02 12.89 -11.68
CA PHE A 84 -4.53 14.23 -11.41
C PHE A 84 -3.16 14.47 -12.06
N ALA A 85 -2.33 13.42 -12.14
CA ALA A 85 -1.03 13.57 -12.79
C ALA A 85 -1.18 13.96 -14.25
N VAL A 86 -2.09 13.32 -14.98
CA VAL A 86 -2.27 13.68 -16.38
C VAL A 86 -3.00 15.02 -16.50
N GLY A 87 -3.92 15.32 -15.57
CA GLY A 87 -4.54 16.64 -15.58
C GLY A 87 -3.54 17.76 -15.39
N TYR A 88 -2.45 17.48 -14.69
CA TYR A 88 -1.40 18.48 -14.48
C TYR A 88 -0.42 18.51 -15.64
N GLN A 89 0.04 17.35 -16.10
CA GLN A 89 1.07 17.29 -17.13
C GLN A 89 0.55 17.77 -18.49
N ARG A 90 -0.75 17.59 -18.77
CA ARG A 90 -1.28 18.07 -20.04
C ARG A 90 -1.28 19.59 -20.09
N LEU A 91 -1.39 20.24 -18.93
CA LEU A 91 -1.28 21.71 -18.88
C LEU A 91 0.17 22.17 -18.92
N LYS A 92 1.13 21.30 -18.64
CA LYS A 92 2.54 21.61 -18.77
C LYS A 92 3.09 21.31 -20.15
N GLY A 93 2.25 20.90 -21.10
CA GLY A 93 2.65 20.70 -22.47
C GLY A 93 2.92 19.26 -22.86
N LYS A 94 3.12 18.37 -21.89
CA LYS A 94 3.36 16.98 -22.20
C LYS A 94 2.08 16.30 -22.68
N CYS A 95 2.19 15.49 -23.72
CA CYS A 95 1.06 14.72 -24.21
C CYS A 95 0.88 13.50 -23.32
N CYS A 96 -0.30 13.38 -22.71
CA CYS A 96 -0.57 12.36 -21.70
C CYS A 96 -1.32 11.19 -22.30
N LEU A 97 -0.99 9.99 -21.83
CA LEU A 97 -1.69 8.76 -22.20
C LEU A 97 -2.12 8.06 -20.91
N PHE A 98 -3.42 8.09 -20.65
CA PHE A 98 -4.04 7.41 -19.50
C PHE A 98 -5.00 6.36 -20.05
N PRO A 99 -4.51 5.18 -20.38
CA PRO A 99 -5.40 4.08 -20.77
C PRO A 99 -5.91 3.33 -19.55
N PHE A 100 -6.88 2.45 -19.80
CA PHE A 100 -7.52 1.71 -18.72
C PHE A 100 -8.04 0.38 -19.25
N GLY A 101 -7.53 -0.72 -18.71
CA GLY A 101 -8.02 -2.04 -19.04
C GLY A 101 -8.96 -2.57 -17.96
N LEU A 102 -9.40 -3.81 -18.16
CA LEU A 102 -10.36 -4.44 -17.25
C LEU A 102 -9.96 -5.90 -17.07
N HIS A 103 -9.65 -6.28 -15.83
CA HIS A 103 -9.19 -7.63 -15.53
C HIS A 103 -10.37 -8.56 -15.30
N CYS A 104 -10.37 -9.68 -16.02
CA CYS A 104 -11.33 -10.74 -15.77
C CYS A 104 -10.67 -12.10 -15.62
N THR A 105 -9.36 -12.21 -15.85
CA THR A 105 -8.64 -13.44 -15.55
C THR A 105 -8.69 -13.73 -14.05
N GLY A 106 -8.70 -15.01 -13.72
CA GLY A 106 -8.68 -15.34 -12.31
C GLY A 106 -9.92 -16.11 -11.89
N MET A 107 -9.78 -16.86 -10.81
CA MET A 107 -10.87 -17.69 -10.30
C MET A 107 -11.98 -16.98 -9.51
N PRO A 108 -11.76 -15.80 -8.88
CA PRO A 108 -12.80 -15.27 -7.96
C PRO A 108 -14.21 -15.24 -8.52
N ILE A 109 -14.39 -14.79 -9.77
CA ILE A 109 -15.68 -14.83 -10.43
C ILE A 109 -16.27 -16.24 -10.34
N LYS A 110 -15.48 -17.23 -10.77
CA LYS A 110 -15.95 -18.61 -10.81
C LYS A 110 -16.21 -19.15 -9.41
N ALA A 111 -15.34 -18.80 -8.45
CA ALA A 111 -15.55 -19.23 -7.07
C ALA A 111 -16.90 -18.75 -6.56
N CYS A 112 -17.17 -17.46 -6.68
CA CYS A 112 -18.43 -16.91 -6.19
C CYS A 112 -19.62 -17.51 -6.93
N ALA A 113 -19.51 -17.68 -8.26
CA ALA A 113 -20.66 -18.15 -9.03
C ALA A 113 -21.00 -19.61 -8.71
N ASP A 114 -19.98 -20.46 -8.58
CA ASP A 114 -20.27 -21.85 -8.27
C ASP A 114 -20.63 -22.05 -6.80
N LYS A 115 -20.09 -21.22 -5.90
CA LYS A 115 -20.61 -21.17 -4.54
C LYS A 115 -22.10 -20.82 -4.55
N LEU A 116 -22.49 -19.89 -5.40
CA LEU A 116 -23.90 -19.55 -5.57
C LEU A 116 -24.71 -20.77 -6.02
N LYS A 117 -24.24 -21.44 -7.07
CA LYS A 117 -24.94 -22.62 -7.58
C LYS A 117 -25.09 -23.69 -6.51
N ARG A 118 -24.08 -23.84 -5.66
CA ARG A 118 -24.12 -24.84 -4.59
C ARG A 118 -25.38 -24.69 -3.74
N GLU A 119 -25.66 -23.48 -3.26
CA GLU A 119 -26.83 -23.25 -2.42
C GLU A 119 -28.07 -22.86 -3.22
N ILE A 120 -27.96 -22.74 -4.54
CA ILE A 120 -29.15 -22.54 -5.36
C ILE A 120 -29.79 -23.87 -5.77
N GLU A 121 -28.99 -24.91 -5.99
CA GLU A 121 -29.58 -26.19 -6.41
C GLU A 121 -29.75 -27.19 -5.27
N LEU A 122 -28.89 -27.17 -4.25
CA LEU A 122 -29.14 -28.01 -3.09
C LEU A 122 -30.29 -27.48 -2.23
N TYR A 123 -30.76 -26.26 -2.49
CA TYR A 123 -31.92 -25.69 -1.82
C TYR A 123 -32.82 -25.05 -2.86
N GLY A 124 -33.79 -24.23 -2.44
CA GLY A 124 -34.74 -23.63 -3.34
C GLY A 124 -34.35 -22.22 -3.76
N CYS A 125 -35.31 -21.53 -4.39
CA CYS A 125 -35.16 -20.14 -4.79
C CYS A 125 -36.44 -19.40 -4.40
N PRO A 126 -36.43 -18.63 -3.31
CA PRO A 126 -35.27 -18.35 -2.44
C PRO A 126 -34.83 -19.53 -1.59
N PRO A 127 -33.56 -19.56 -1.21
CA PRO A 127 -33.05 -20.70 -0.45
C PRO A 127 -33.35 -20.59 1.03
N ASP A 128 -33.54 -21.75 1.66
CA ASP A 128 -34.13 -21.86 2.99
C ASP A 128 -33.05 -21.94 4.06
N PHE A 129 -33.17 -21.08 5.08
CA PHE A 129 -32.18 -20.97 6.14
C PHE A 129 -32.85 -20.54 7.43
N PRO A 130 -32.25 -20.85 8.59
CA PRO A 130 -31.02 -21.62 8.78
C PRO A 130 -31.17 -23.11 8.47
N TYR A 168 -24.02 -14.53 3.33
CA TYR A 168 -24.74 -15.07 2.17
C TYR A 168 -24.28 -14.39 0.89
N GLN A 169 -24.69 -14.96 -0.25
CA GLN A 169 -24.25 -14.46 -1.54
C GLN A 169 -25.39 -13.90 -2.38
N TRP A 170 -26.49 -14.66 -2.54
CA TRP A 170 -27.67 -14.15 -3.21
C TRP A 170 -28.17 -12.87 -2.54
N GLY A 171 -27.99 -12.76 -1.22
CA GLY A 171 -28.35 -11.53 -0.53
C GLY A 171 -27.55 -10.33 -1.00
N ILE A 172 -26.24 -10.51 -1.21
CA ILE A 172 -25.42 -9.41 -1.68
C ILE A 172 -25.79 -9.03 -3.11
N MET A 173 -26.08 -10.04 -3.95
CA MET A 173 -26.47 -9.76 -5.32
C MET A 173 -27.77 -8.98 -5.37
N LYS A 174 -28.77 -9.39 -4.59
CA LYS A 174 -30.00 -8.60 -4.50
C LYS A 174 -29.78 -7.25 -3.83
N SER A 175 -28.74 -7.13 -2.99
CA SER A 175 -28.38 -5.83 -2.46
C SER A 175 -27.88 -4.91 -3.57
N LEU A 176 -27.23 -5.47 -4.59
CA LEU A 176 -26.92 -4.68 -5.77
C LEU A 176 -28.19 -4.28 -6.52
N GLY A 177 -29.26 -5.06 -6.39
CA GLY A 177 -30.55 -4.67 -6.93
C GLY A 177 -30.94 -5.27 -8.26
N LEU A 178 -30.37 -6.42 -8.63
CA LEU A 178 -30.74 -7.08 -9.87
C LEU A 178 -32.11 -7.75 -9.71
N SER A 179 -32.74 -8.02 -10.86
CA SER A 179 -34.06 -8.62 -10.85
C SER A 179 -33.96 -10.09 -10.48
N ASP A 180 -35.00 -10.57 -9.79
CA ASP A 180 -35.01 -11.95 -9.33
C ASP A 180 -34.70 -12.92 -10.46
N GLU A 181 -35.30 -12.70 -11.63
CA GLU A 181 -35.08 -13.54 -12.80
C GLU A 181 -33.82 -13.17 -13.57
N GLU A 182 -32.91 -12.40 -12.97
CA GLU A 182 -31.67 -12.02 -13.61
C GLU A 182 -30.43 -12.58 -12.93
N ILE A 183 -30.51 -12.95 -11.64
CA ILE A 183 -29.39 -13.60 -11.00
C ILE A 183 -29.25 -15.04 -11.47
N VAL A 184 -30.31 -15.64 -12.01
CA VAL A 184 -30.20 -16.95 -12.63
C VAL A 184 -29.25 -16.90 -13.83
N LYS A 185 -29.21 -15.76 -14.52
CA LYS A 185 -28.30 -15.58 -15.65
C LYS A 185 -26.84 -15.47 -15.20
N PHE A 186 -26.58 -15.29 -13.90
CA PHE A 186 -25.22 -15.14 -13.39
C PHE A 186 -24.52 -16.47 -13.16
N SER A 187 -25.06 -17.58 -13.67
CA SER A 187 -24.39 -18.86 -13.51
C SER A 187 -23.08 -18.90 -14.30
N GLU A 188 -23.09 -18.36 -15.52
CA GLU A 188 -21.91 -18.34 -16.35
C GLU A 188 -21.13 -17.04 -16.17
N ALA A 189 -19.81 -17.13 -16.28
CA ALA A 189 -18.97 -15.95 -16.21
C ALA A 189 -19.07 -15.10 -17.46
N GLU A 190 -19.59 -15.67 -18.56
CA GLU A 190 -19.80 -14.89 -19.78
C GLU A 190 -20.71 -13.70 -19.51
N HIS A 191 -21.78 -13.91 -18.74
CA HIS A 191 -22.65 -12.79 -18.39
C HIS A 191 -21.95 -11.79 -17.50
N TRP A 192 -21.06 -12.25 -16.61
CA TRP A 192 -20.30 -11.33 -15.79
C TRP A 192 -19.42 -10.44 -16.66
N LEU A 193 -18.76 -11.02 -17.67
CA LEU A 193 -17.90 -10.23 -18.54
C LEU A 193 -18.70 -9.37 -19.52
N ASP A 194 -19.95 -9.73 -19.82
CA ASP A 194 -20.80 -8.88 -20.63
C ASP A 194 -21.51 -7.80 -19.82
N TYR A 195 -21.53 -7.92 -18.50
CA TYR A 195 -22.26 -7.00 -17.62
C TYR A 195 -21.36 -6.02 -16.89
N PHE A 196 -20.35 -6.51 -16.18
CA PHE A 196 -19.56 -5.70 -15.26
C PHE A 196 -18.58 -4.75 -15.95
N PRO A 197 -17.88 -5.15 -17.02
CA PRO A 197 -17.00 -4.20 -17.71
C PRO A 197 -17.76 -2.98 -18.23
N PRO A 198 -18.93 -3.15 -18.86
CA PRO A 198 -19.69 -1.94 -19.25
C PRO A 198 -20.08 -1.06 -18.08
N LEU A 199 -20.46 -1.65 -16.95
CA LEU A 199 -20.86 -0.84 -15.80
C LEU A 199 -19.68 -0.09 -15.21
N ALA A 200 -18.52 -0.75 -15.09
CA ALA A 200 -17.34 -0.07 -14.60
C ALA A 200 -16.90 1.04 -15.55
N ILE A 201 -17.02 0.81 -16.86
CA ILE A 201 -16.68 1.84 -17.83
C ILE A 201 -17.64 3.02 -17.71
N GLN A 202 -18.92 2.74 -17.51
CA GLN A 202 -19.90 3.81 -17.32
C GLN A 202 -19.60 4.61 -16.06
N ASP A 203 -19.24 3.93 -14.97
CA ASP A 203 -18.87 4.62 -13.74
C ASP A 203 -17.66 5.52 -13.96
N LEU A 204 -16.64 4.99 -14.64
CA LEU A 204 -15.43 5.78 -14.89
C LEU A 204 -15.73 7.00 -15.76
N LYS A 205 -16.52 6.81 -16.82
CA LYS A 205 -16.87 7.94 -17.68
C LYS A 205 -17.68 8.97 -16.92
N ARG A 206 -18.56 8.52 -16.00
CA ARG A 206 -19.30 9.46 -15.17
C ARG A 206 -18.37 10.21 -14.23
N MET A 207 -17.29 9.56 -13.78
CA MET A 207 -16.30 10.26 -12.99
C MET A 207 -15.54 11.30 -13.82
N GLY A 208 -15.35 11.03 -15.12
CA GLY A 208 -14.77 12.01 -16.01
C GLY A 208 -13.28 11.87 -16.17
N LEU A 209 -12.79 10.64 -16.19
CA LEU A 209 -11.37 10.39 -16.32
C LEU A 209 -10.89 10.72 -17.73
N LYS A 210 -9.63 11.15 -17.82
CA LYS A 210 -9.02 11.56 -19.09
C LYS A 210 -8.43 10.32 -19.78
N VAL A 211 -9.32 9.47 -20.25
CA VAL A 211 -8.96 8.17 -20.83
C VAL A 211 -9.29 8.17 -22.31
N ASP A 212 -8.40 7.57 -23.10
CA ASP A 212 -8.66 7.25 -24.50
C ASP A 212 -9.36 5.89 -24.50
N TRP A 213 -10.69 5.91 -24.49
CA TRP A 213 -11.47 4.71 -24.21
C TRP A 213 -11.37 3.66 -25.31
N ARG A 214 -10.86 4.02 -26.50
CA ARG A 214 -10.69 3.04 -27.55
C ARG A 214 -9.65 1.98 -27.20
N ARG A 215 -8.89 2.17 -26.13
CA ARG A 215 -7.79 1.28 -25.75
C ARG A 215 -8.18 0.30 -24.65
N SER A 216 -9.46 0.23 -24.28
CA SER A 216 -9.91 -0.69 -23.25
C SER A 216 -10.25 -2.05 -23.84
N PHE A 217 -10.23 -3.07 -23.00
CA PHE A 217 -10.31 -4.45 -23.47
C PHE A 217 -10.64 -5.37 -22.30
N ILE A 218 -10.68 -6.68 -22.60
CA ILE A 218 -10.92 -7.74 -21.63
C ILE A 218 -9.70 -8.66 -21.63
N THR A 219 -9.53 -9.40 -20.53
CA THR A 219 -8.28 -10.10 -20.26
C THR A 219 -8.35 -11.63 -20.39
N THR A 220 -9.52 -12.21 -20.64
CA THR A 220 -9.60 -13.65 -20.78
C THR A 220 -9.54 -14.05 -22.26
N ASP A 221 -9.74 -15.34 -22.53
CA ASP A 221 -9.76 -15.83 -23.91
C ASP A 221 -10.96 -15.32 -24.69
N VAL A 222 -11.95 -14.72 -24.02
CA VAL A 222 -13.06 -14.09 -24.72
C VAL A 222 -12.54 -13.02 -25.67
N ASN A 223 -11.51 -12.28 -25.25
CA ASN A 223 -10.83 -11.34 -26.14
C ASN A 223 -9.76 -12.10 -26.91
N PRO A 224 -9.89 -12.29 -28.22
CA PRO A 224 -8.88 -13.06 -28.95
C PRO A 224 -7.58 -12.32 -29.15
N TYR A 225 -7.62 -10.98 -29.26
CA TYR A 225 -6.40 -10.21 -29.48
C TYR A 225 -5.51 -10.24 -28.24
N TYR A 226 -6.09 -10.01 -27.06
CA TYR A 226 -5.33 -10.13 -25.82
C TYR A 226 -4.86 -11.57 -25.60
N ASP A 227 -5.65 -12.54 -26.06
CA ASP A 227 -5.23 -13.94 -25.98
C ASP A 227 -3.98 -14.18 -26.81
N SER A 228 -3.95 -13.65 -28.03
CA SER A 228 -2.75 -13.78 -28.87
C SER A 228 -1.57 -13.04 -28.24
N PHE A 229 -1.83 -11.89 -27.61
CA PHE A 229 -0.75 -11.16 -26.94
C PHE A 229 -0.14 -11.99 -25.81
N VAL A 230 -0.99 -12.60 -24.97
CA VAL A 230 -0.49 -13.44 -23.89
C VAL A 230 0.24 -14.66 -24.45
N ARG A 231 -0.27 -15.22 -25.55
CA ARG A 231 0.40 -16.36 -26.18
C ARG A 231 1.80 -15.99 -26.63
N TRP A 232 1.94 -14.84 -27.30
CA TRP A 232 3.27 -14.39 -27.71
C TRP A 232 4.17 -14.17 -26.51
N GLN A 233 3.62 -13.54 -25.45
CA GLN A 233 4.38 -13.32 -24.23
C GLN A 233 4.98 -14.62 -23.72
N PHE A 234 4.13 -15.62 -23.48
CA PHE A 234 4.61 -16.86 -22.87
C PHE A 234 5.46 -17.68 -23.83
N LEU A 235 5.19 -17.61 -25.14
CA LEU A 235 6.07 -18.28 -26.11
C LEU A 235 7.47 -17.71 -26.05
N THR A 236 7.59 -16.37 -26.04
CA THR A 236 8.91 -15.75 -25.94
C THR A 236 9.55 -16.06 -24.59
N LEU A 237 8.76 -16.12 -23.52
CA LEU A 237 9.31 -16.38 -22.19
C LEU A 237 9.91 -17.78 -22.11
N ARG A 238 9.14 -18.80 -22.52
CA ARG A 238 9.69 -20.15 -22.53
C ARG A 238 10.78 -20.31 -23.59
N GLU A 239 10.79 -19.47 -24.62
CA GLU A 239 11.87 -19.49 -25.59
C GLU A 239 13.19 -19.07 -24.95
N ARG A 240 13.15 -18.14 -24.00
CA ARG A 240 14.34 -17.65 -23.32
C ARG A 240 14.50 -18.27 -21.93
N ASN A 241 13.97 -19.47 -21.74
CA ASN A 241 14.19 -20.26 -20.53
C ASN A 241 13.72 -19.54 -19.27
N LYS A 242 12.68 -18.72 -19.37
CA LYS A 242 12.12 -18.07 -18.20
C LYS A 242 10.96 -18.86 -17.59
N ILE A 243 10.33 -19.75 -18.34
CA ILE A 243 9.34 -20.67 -17.81
C ILE A 243 9.97 -22.05 -17.75
N LYS A 244 9.47 -22.87 -16.82
CA LYS A 244 10.04 -24.20 -16.63
C LYS A 244 8.97 -25.11 -16.04
N PHE A 245 8.91 -26.34 -16.54
CA PHE A 245 8.02 -27.34 -15.97
C PHE A 245 8.77 -28.18 -14.95
N GLY A 246 8.12 -28.51 -13.84
CA GLY A 246 8.77 -29.32 -12.83
C GLY A 246 7.88 -29.49 -11.62
N LYS A 247 8.27 -30.42 -10.76
CA LYS A 247 7.55 -30.72 -9.53
C LYS A 247 8.16 -29.90 -8.39
N ARG A 248 7.38 -28.96 -7.86
CA ARG A 248 7.82 -28.09 -6.78
C ARG A 248 6.75 -28.02 -5.71
N TYR A 249 7.14 -27.48 -4.56
CA TYR A 249 6.19 -27.20 -3.48
C TYR A 249 5.50 -25.87 -3.72
N THR A 250 4.25 -25.79 -3.28
CA THR A 250 3.52 -24.52 -3.37
C THR A 250 2.26 -24.61 -2.52
N ILE A 251 1.76 -23.44 -2.12
CA ILE A 251 0.45 -23.36 -1.50
C ILE A 251 -0.60 -23.83 -2.50
N TYR A 252 -1.59 -24.57 -2.02
CA TYR A 252 -2.48 -25.33 -2.88
C TYR A 252 -3.84 -25.42 -2.23
N SER A 253 -4.89 -25.26 -3.02
CA SER A 253 -6.26 -25.37 -2.53
C SER A 253 -6.86 -26.70 -2.98
N PRO A 254 -7.09 -27.66 -2.08
CA PRO A 254 -7.70 -28.93 -2.51
C PRO A 254 -9.03 -28.77 -3.22
N LYS A 255 -9.95 -27.97 -2.67
CA LYS A 255 -11.24 -27.76 -3.33
C LYS A 255 -11.06 -27.13 -4.71
N ASP A 256 -10.04 -26.28 -4.88
CA ASP A 256 -9.76 -25.70 -6.18
C ASP A 256 -8.90 -26.61 -7.04
N GLY A 257 -8.13 -27.50 -6.43
CA GLY A 257 -7.28 -28.42 -7.18
C GLY A 257 -6.18 -27.75 -7.99
N GLN A 258 -5.56 -26.71 -7.43
CA GLN A 258 -4.52 -25.97 -8.13
C GLN A 258 -3.75 -25.15 -7.11
N PRO A 259 -2.55 -24.68 -7.46
CA PRO A 259 -1.80 -23.82 -6.53
C PRO A 259 -2.52 -22.51 -6.28
N CYS A 260 -2.60 -22.12 -5.00
CA CYS A 260 -3.28 -20.90 -4.58
C CYS A 260 -2.23 -19.81 -4.37
N MET A 261 -2.24 -18.80 -5.24
CA MET A 261 -1.27 -17.71 -5.20
C MET A 261 -1.82 -16.56 -4.37
N ASP A 262 -1.20 -15.38 -4.48
CA ASP A 262 -1.51 -14.28 -3.57
C ASP A 262 -2.86 -13.64 -3.87
N HIS A 263 -3.33 -13.69 -5.11
CA HIS A 263 -4.55 -12.98 -5.50
C HIS A 263 -5.80 -13.85 -5.48
N ASP A 264 -5.68 -15.13 -5.11
CA ASP A 264 -6.84 -15.99 -4.96
C ASP A 264 -6.94 -16.55 -3.55
N ARG A 265 -6.40 -15.83 -2.57
CA ARG A 265 -6.46 -16.20 -1.16
C ARG A 265 -7.47 -15.32 -0.43
N GLN A 266 -7.65 -15.60 0.86
CA GLN A 266 -8.50 -14.81 1.72
C GLN A 266 -7.86 -14.44 3.05
N THR A 267 -6.70 -15.02 3.39
CA THR A 267 -5.99 -14.71 4.61
C THR A 267 -4.50 -14.93 4.37
N GLY A 268 -3.69 -14.04 4.92
CA GLY A 268 -2.24 -14.14 4.73
C GLY A 268 -1.85 -14.05 3.28
N GLU A 269 -2.02 -12.87 2.68
CA GLU A 269 -1.84 -12.65 1.25
C GLU A 269 -0.40 -12.86 0.77
N GLY A 270 0.53 -13.20 1.66
CA GLY A 270 1.90 -13.43 1.24
C GLY A 270 2.54 -14.65 1.88
N VAL A 271 1.71 -15.55 2.41
CA VAL A 271 2.23 -16.73 3.08
C VAL A 271 2.80 -17.72 2.06
N GLY A 272 3.95 -18.27 2.39
CA GLY A 272 4.54 -19.32 1.59
C GLY A 272 4.69 -20.60 2.40
N PRO A 273 5.28 -21.63 1.80
CA PRO A 273 5.51 -22.87 2.54
C PRO A 273 6.54 -22.67 3.65
N GLN A 274 6.53 -23.61 4.60
CA GLN A 274 7.50 -23.62 5.68
C GLN A 274 7.92 -25.06 5.92
N GLU A 275 9.22 -25.25 6.09
CA GLU A 275 9.80 -26.58 6.16
C GLU A 275 9.84 -27.08 7.59
N TYR A 276 9.61 -28.38 7.75
CA TYR A 276 9.61 -29.07 9.01
C TYR A 276 10.30 -30.43 8.85
N THR A 277 11.17 -30.75 9.82
CA THR A 277 11.72 -32.09 9.89
C THR A 277 10.74 -32.96 10.67
N LEU A 278 10.25 -34.02 10.02
CA LEU A 278 9.19 -34.86 10.56
C LEU A 278 9.83 -36.17 11.00
N LEU A 279 9.98 -36.36 12.30
CA LEU A 279 10.63 -37.55 12.84
C LEU A 279 9.62 -38.67 12.99
N LYS A 280 10.08 -39.89 12.69
CA LYS A 280 9.26 -41.09 12.82
C LYS A 280 9.68 -41.84 14.07
N LEU A 281 8.71 -42.19 14.90
CA LEU A 281 8.93 -42.90 16.15
C LEU A 281 8.20 -44.24 16.08
N LYS A 282 8.95 -45.34 16.18
CA LYS A 282 8.37 -46.67 16.15
C LYS A 282 7.57 -46.92 17.42
N VAL A 283 6.28 -47.19 17.27
CA VAL A 283 5.44 -47.59 18.40
C VAL A 283 5.77 -49.05 18.71
N LEU A 284 6.43 -49.28 19.84
CA LEU A 284 6.89 -50.61 20.20
C LEU A 284 5.82 -51.36 20.97
N GLU A 285 5.87 -52.68 20.87
CA GLU A 285 4.95 -53.54 21.59
C GLU A 285 5.36 -53.64 23.07
N PRO A 286 4.40 -53.81 23.98
CA PRO A 286 2.96 -54.03 23.76
C PRO A 286 2.22 -52.80 23.23
N TYR A 287 1.56 -52.98 22.09
CA TYR A 287 0.73 -51.91 21.55
C TYR A 287 -0.35 -51.55 22.58
N PRO A 288 -0.74 -50.28 22.66
CA PRO A 288 -1.89 -49.93 23.50
C PRO A 288 -3.16 -50.59 22.97
N SER A 289 -4.18 -50.63 23.83
CA SER A 289 -5.38 -51.40 23.53
C SER A 289 -6.01 -50.99 22.20
N LYS A 290 -6.26 -49.69 22.03
CA LYS A 290 -7.04 -49.18 20.90
C LYS A 290 -6.40 -49.50 19.54
N LEU A 291 -5.17 -49.99 19.52
CA LEU A 291 -4.49 -50.28 18.26
C LEU A 291 -4.50 -51.77 17.90
N SER A 292 -5.13 -52.60 18.73
CA SER A 292 -5.08 -54.05 18.54
C SER A 292 -5.49 -54.49 17.13
N GLY A 293 -6.42 -53.78 16.50
CA GLY A 293 -6.89 -54.19 15.20
C GLY A 293 -5.83 -54.11 14.11
N LEU A 294 -4.84 -53.25 14.28
CA LEU A 294 -3.82 -53.03 13.27
C LEU A 294 -2.56 -53.86 13.51
N LYS A 295 -2.67 -54.95 14.26
CA LYS A 295 -1.50 -55.74 14.61
C LYS A 295 -0.84 -56.33 13.37
N GLY A 296 0.49 -56.35 13.38
CA GLY A 296 1.24 -56.90 12.26
C GLY A 296 1.97 -55.87 11.45
N LYS A 297 1.33 -54.72 11.25
CA LYS A 297 1.87 -53.66 10.42
C LYS A 297 2.76 -52.73 11.26
N ASN A 298 3.44 -51.81 10.58
CA ASN A 298 4.33 -50.86 11.24
C ASN A 298 3.55 -49.59 11.58
N ILE A 299 3.66 -49.17 12.83
CA ILE A 299 2.91 -48.02 13.35
C ILE A 299 3.93 -46.95 13.74
N PHE A 300 3.84 -45.79 13.10
CA PHE A 300 4.77 -44.69 13.31
C PHE A 300 4.04 -43.48 13.89
N LEU A 301 4.65 -42.87 14.90
CA LEU A 301 4.25 -41.55 15.36
C LEU A 301 5.10 -40.52 14.63
N VAL A 302 4.46 -39.60 13.94
CA VAL A 302 5.16 -38.55 13.20
C VAL A 302 5.11 -37.27 14.04
N ALA A 303 6.29 -36.72 14.34
CA ALA A 303 6.45 -35.58 15.20
C ALA A 303 7.14 -34.46 14.45
N ALA A 304 6.59 -33.24 14.52
CA ALA A 304 7.09 -32.10 13.73
C ALA A 304 8.09 -31.31 14.56
N THR A 305 9.19 -30.92 13.93
CA THR A 305 10.16 -30.07 14.61
C THR A 305 10.90 -29.19 13.60
N LEU A 306 11.62 -28.21 14.14
CA LEU A 306 12.56 -27.39 13.40
C LEU A 306 13.97 -27.46 13.97
N ARG A 307 14.19 -28.23 15.04
CA ARG A 307 15.49 -28.36 15.69
C ARG A 307 15.86 -29.84 15.74
N PRO A 308 16.28 -30.43 14.61
CA PRO A 308 16.66 -31.85 14.63
C PRO A 308 17.90 -32.13 15.44
N GLU A 309 18.84 -31.18 15.51
CA GLU A 309 20.09 -31.40 16.24
C GLU A 309 19.86 -31.63 17.73
N THR A 310 18.69 -31.25 18.26
CA THR A 310 18.37 -31.49 19.66
C THR A 310 17.79 -32.87 19.91
N MET A 311 17.50 -33.64 18.86
CA MET A 311 16.90 -34.95 19.03
C MET A 311 17.84 -35.99 19.62
N PHE A 312 19.11 -35.63 19.84
CA PHE A 312 19.99 -36.47 20.63
C PHE A 312 19.59 -36.47 22.11
N GLY A 313 18.81 -35.48 22.54
CA GLY A 313 18.42 -35.38 23.94
C GLY A 313 16.93 -35.56 24.16
N GLN A 314 16.33 -36.50 23.44
CA GLN A 314 14.92 -36.80 23.64
C GLN A 314 14.73 -37.74 24.81
N THR A 315 13.72 -37.46 25.62
CA THR A 315 13.34 -38.33 26.73
C THR A 315 11.95 -38.92 26.59
N ASN A 316 11.03 -38.24 25.90
CA ASN A 316 9.67 -38.73 25.72
C ASN A 316 8.97 -37.90 24.65
N CYS A 317 7.70 -38.21 24.43
CA CYS A 317 6.92 -37.64 23.33
C CYS A 317 5.67 -36.98 23.90
N TRP A 318 5.54 -35.67 23.67
CA TRP A 318 4.41 -34.89 24.18
C TRP A 318 3.23 -35.03 23.22
N VAL A 319 2.07 -35.45 23.76
CA VAL A 319 0.84 -35.46 23.00
C VAL A 319 -0.26 -34.78 23.82
N ARG A 320 -1.27 -34.28 23.11
CA ARG A 320 -2.41 -33.64 23.76
C ARG A 320 -3.48 -34.69 24.06
N PRO A 321 -3.82 -34.93 25.32
CA PRO A 321 -4.72 -36.05 25.65
C PRO A 321 -6.17 -35.83 25.24
N ASP A 322 -6.60 -34.58 25.07
CA ASP A 322 -8.00 -34.29 24.75
C ASP A 322 -8.18 -33.78 23.32
N MET A 323 -7.29 -34.15 22.42
CA MET A 323 -7.41 -33.81 21.00
C MET A 323 -7.63 -35.08 20.19
N LYS A 324 -8.30 -34.93 19.06
CA LYS A 324 -8.63 -36.06 18.19
C LYS A 324 -7.50 -36.28 17.19
N TYR A 325 -6.82 -37.41 17.30
CA TYR A 325 -5.78 -37.81 16.36
C TYR A 325 -6.29 -38.92 15.45
N ILE A 326 -5.67 -39.02 14.28
CA ILE A 326 -6.06 -39.95 13.23
C ILE A 326 -4.83 -40.73 12.80
N GLY A 327 -4.96 -42.05 12.72
CA GLY A 327 -3.94 -42.92 12.17
C GLY A 327 -4.41 -43.48 10.85
N PHE A 328 -3.53 -43.38 9.84
CA PHE A 328 -3.83 -43.70 8.45
C PHE A 328 -2.66 -44.47 7.85
N GLU A 329 -2.84 -44.90 6.60
CA GLU A 329 -1.88 -45.74 5.90
C GLU A 329 -1.07 -44.90 4.91
N THR A 330 0.24 -45.12 4.90
CA THR A 330 1.14 -44.39 4.01
C THR A 330 1.17 -45.08 2.64
N VAL A 331 2.13 -44.68 1.80
CA VAL A 331 2.25 -45.28 0.48
C VAL A 331 2.95 -46.64 0.55
N ASN A 332 3.87 -46.83 1.50
CA ASN A 332 4.65 -48.05 1.61
C ASN A 332 4.04 -49.09 2.54
N GLY A 333 2.79 -48.88 2.97
CA GLY A 333 2.11 -49.84 3.80
C GLY A 333 2.23 -49.60 5.30
N ASP A 334 3.02 -48.62 5.72
CA ASP A 334 3.15 -48.33 7.14
C ASP A 334 1.98 -47.46 7.61
N ILE A 335 1.93 -47.23 8.92
CA ILE A 335 0.84 -46.50 9.55
C ILE A 335 1.41 -45.25 10.21
N PHE A 336 0.89 -44.09 9.83
CA PHE A 336 1.27 -42.81 10.43
C PHE A 336 0.13 -42.29 11.29
N ILE A 337 0.48 -41.78 12.47
CA ILE A 337 -0.49 -41.20 13.40
C ILE A 337 -0.20 -39.72 13.51
N CYS A 338 -1.17 -38.90 13.11
CA CYS A 338 -1.00 -37.44 13.12
C CYS A 338 -2.37 -36.82 13.36
N THR A 339 -2.50 -35.54 13.02
CA THR A 339 -3.78 -34.85 13.05
C THR A 339 -4.39 -34.82 11.65
N GLN A 340 -5.61 -34.31 11.58
CA GLN A 340 -6.36 -34.34 10.31
C GLN A 340 -5.67 -33.49 9.24
N LYS A 341 -5.37 -32.23 9.58
CA LYS A 341 -4.77 -31.34 8.59
C LYS A 341 -3.35 -31.74 8.24
N ALA A 342 -2.61 -32.28 9.23
CA ALA A 342 -1.30 -32.84 8.93
C ALA A 342 -1.41 -33.99 7.94
N ALA A 343 -2.43 -34.84 8.10
CA ALA A 343 -2.66 -35.93 7.16
C ALA A 343 -3.01 -35.39 5.77
N ARG A 344 -3.80 -34.33 5.71
CA ARG A 344 -4.12 -33.69 4.44
C ARG A 344 -2.86 -33.21 3.74
N ASN A 345 -2.01 -32.48 4.48
CA ASN A 345 -0.76 -31.97 3.91
C ASN A 345 0.14 -33.10 3.43
N MET A 346 0.30 -34.14 4.25
CA MET A 346 1.12 -35.28 3.87
C MET A 346 0.58 -35.94 2.61
N SER A 347 -0.74 -36.13 2.54
CA SER A 347 -1.35 -36.74 1.36
C SER A 347 -1.06 -35.93 0.11
N TYR A 348 -1.16 -34.60 0.20
CA TYR A 348 -0.83 -33.79 -0.97
C TYR A 348 0.66 -33.64 -1.20
N GLN A 349 1.52 -34.10 -0.27
CA GLN A 349 2.96 -34.13 -0.48
C GLN A 349 3.46 -35.52 -0.84
N GLY A 350 2.61 -36.36 -1.46
CA GLY A 350 3.03 -37.65 -1.93
C GLY A 350 3.35 -38.67 -0.86
N PHE A 351 2.76 -38.53 0.33
CA PHE A 351 3.02 -39.50 1.40
C PHE A 351 2.15 -40.74 1.28
N THR A 352 0.92 -40.59 0.77
CA THR A 352 0.01 -41.71 0.64
C THR A 352 0.11 -42.33 -0.75
N LYS A 353 -0.61 -43.43 -0.95
CA LYS A 353 -0.63 -44.10 -2.24
C LYS A 353 -1.19 -43.19 -3.33
N ASP A 354 -2.33 -42.57 -3.07
CA ASP A 354 -2.96 -41.65 -4.00
C ASP A 354 -2.80 -40.21 -3.50
N ASN A 355 -2.68 -39.30 -4.45
CA ASN A 355 -2.50 -37.89 -4.11
C ASN A 355 -3.76 -37.33 -3.47
N GLY A 356 -3.64 -36.82 -2.25
CA GLY A 356 -4.76 -36.24 -1.54
C GLY A 356 -5.64 -37.23 -0.81
N VAL A 357 -5.45 -38.52 -1.01
CA VAL A 357 -6.29 -39.55 -0.38
C VAL A 357 -5.67 -39.94 0.95
N VAL A 358 -6.47 -39.92 2.00
CA VAL A 358 -6.06 -40.33 3.33
C VAL A 358 -6.88 -41.54 3.75
N PRO A 359 -6.31 -42.74 3.66
CA PRO A 359 -7.05 -43.93 4.12
C PRO A 359 -7.03 -44.01 5.63
N VAL A 360 -8.15 -43.64 6.27
CA VAL A 360 -8.20 -43.55 7.73
C VAL A 360 -8.43 -44.95 8.28
N VAL A 361 -7.52 -45.40 9.14
CA VAL A 361 -7.65 -46.72 9.75
C VAL A 361 -8.06 -46.65 11.22
N LYS A 362 -7.83 -45.53 11.91
CA LYS A 362 -8.36 -45.41 13.27
C LYS A 362 -8.38 -43.96 13.73
N GLU A 363 -9.52 -43.54 14.28
CA GLU A 363 -9.64 -42.25 14.96
C GLU A 363 -9.60 -42.49 16.46
N LEU A 364 -8.92 -41.61 17.19
CA LEU A 364 -8.75 -41.83 18.62
C LEU A 364 -8.43 -40.50 19.31
N MET A 365 -8.27 -40.57 20.63
CA MET A 365 -7.87 -39.44 21.45
C MET A 365 -6.47 -39.68 22.01
N GLY A 366 -5.84 -38.61 22.48
CA GLY A 366 -4.50 -38.72 23.02
C GLY A 366 -4.43 -39.59 24.27
N GLU A 367 -5.51 -39.62 25.05
CA GLU A 367 -5.52 -40.42 26.27
C GLU A 367 -5.25 -41.90 25.98
N GLU A 368 -5.82 -42.41 24.88
CA GLU A 368 -5.62 -43.80 24.50
C GLU A 368 -4.23 -44.07 23.93
N ILE A 369 -3.35 -43.08 23.90
CA ILE A 369 -2.02 -43.23 23.33
C ILE A 369 -0.92 -43.21 24.37
N LEU A 370 -1.19 -42.72 25.58
CA LEU A 370 -0.16 -42.53 26.59
C LEU A 370 0.35 -43.87 27.11
N GLY A 371 1.63 -43.89 27.47
CA GLY A 371 2.29 -45.08 27.94
C GLY A 371 2.90 -45.94 26.85
N ALA A 372 2.67 -45.62 25.58
CA ALA A 372 3.20 -46.43 24.49
C ALA A 372 4.71 -46.27 24.41
N SER A 373 5.42 -47.40 24.38
CA SER A 373 6.86 -47.37 24.24
C SER A 373 7.25 -46.96 22.83
N LEU A 374 8.27 -46.11 22.72
CA LEU A 374 8.71 -45.57 21.45
C LEU A 374 10.21 -45.77 21.27
N SER A 375 10.62 -45.87 20.02
CA SER A 375 12.03 -45.88 19.64
C SER A 375 12.28 -44.61 18.82
N ALA A 376 12.81 -43.59 19.50
CA ALA A 376 13.04 -42.34 18.78
C ALA A 376 14.41 -42.36 18.09
N PRO A 377 14.56 -41.61 17.01
CA PRO A 377 15.88 -41.52 16.37
C PRO A 377 16.82 -40.63 17.18
N LEU A 378 18.09 -41.05 17.24
CA LEU A 378 19.20 -40.27 17.76
C LEU A 378 19.20 -40.11 19.28
N THR A 379 18.16 -40.60 19.95
CA THR A 379 18.08 -40.41 21.40
C THR A 379 19.02 -41.38 22.11
N SER A 380 19.51 -40.93 23.27
CA SER A 380 20.39 -41.78 24.07
C SER A 380 19.63 -42.90 24.76
N TYR A 381 18.32 -42.75 24.95
CA TYR A 381 17.51 -43.76 25.60
C TYR A 381 16.95 -44.71 24.55
N LYS A 382 17.29 -46.00 24.68
CA LYS A 382 16.82 -47.00 23.72
C LYS A 382 15.31 -47.17 23.76
N VAL A 383 14.65 -46.73 24.82
CA VAL A 383 13.20 -46.79 24.94
C VAL A 383 12.70 -45.50 25.58
N ILE A 384 11.79 -44.81 24.91
CA ILE A 384 11.12 -43.63 25.47
C ILE A 384 9.62 -43.89 25.45
N TYR A 385 8.86 -42.96 26.03
CA TYR A 385 7.44 -43.17 26.27
C TYR A 385 6.63 -41.98 25.78
N VAL A 386 5.34 -42.22 25.63
CA VAL A 386 4.38 -41.20 25.18
C VAL A 386 3.74 -40.59 26.43
N LEU A 387 4.03 -39.32 26.67
CA LEU A 387 3.51 -38.59 27.82
C LEU A 387 2.60 -37.46 27.36
N PRO A 388 1.68 -37.03 28.22
CA PRO A 388 0.74 -35.98 27.83
C PRO A 388 1.29 -34.58 28.06
N MET A 389 0.70 -33.63 27.33
CA MET A 389 1.02 -32.22 27.49
C MET A 389 -0.25 -31.43 27.22
N LEU A 390 -0.62 -30.58 28.17
CA LEU A 390 -1.88 -29.85 28.07
C LEU A 390 -1.75 -28.55 27.29
N THR A 391 -0.61 -27.87 27.39
CA THR A 391 -0.36 -26.64 26.63
C THR A 391 0.14 -27.00 25.24
N ILE A 392 -0.79 -27.50 24.42
CA ILE A 392 -0.50 -27.92 23.06
C ILE A 392 -1.44 -27.17 22.11
N LYS A 393 -0.86 -26.47 21.14
CA LYS A 393 -1.63 -25.77 20.14
C LYS A 393 -2.19 -26.75 19.12
N GLU A 394 -3.46 -26.58 18.78
CA GLU A 394 -4.15 -27.49 17.86
C GLU A 394 -4.04 -27.06 16.41
N ASP A 395 -3.13 -26.15 16.09
CA ASP A 395 -2.95 -25.66 14.72
C ASP A 395 -1.59 -25.96 14.15
N LYS A 396 -0.53 -25.91 14.96
CA LYS A 396 0.83 -26.08 14.49
C LYS A 396 1.21 -27.54 14.42
N GLY A 397 1.68 -27.96 13.26
CA GLY A 397 2.34 -29.26 13.17
C GLY A 397 1.38 -30.42 13.21
N THR A 398 1.80 -31.49 13.88
CA THR A 398 1.10 -32.76 13.87
C THR A 398 0.38 -33.06 15.18
N GLY A 399 0.30 -32.09 16.08
CA GLY A 399 -0.21 -32.36 17.41
C GLY A 399 0.69 -33.24 18.25
N VAL A 400 1.90 -33.53 17.79
CA VAL A 400 2.87 -34.37 18.48
C VAL A 400 4.18 -33.59 18.56
N VAL A 401 4.69 -33.40 19.78
CA VAL A 401 5.91 -32.63 19.98
C VAL A 401 6.95 -33.53 20.64
N THR A 402 8.21 -33.17 20.48
CA THR A 402 9.32 -33.91 21.08
C THR A 402 9.58 -33.38 22.49
N SER A 403 10.19 -34.22 23.32
CA SER A 403 10.59 -33.80 24.67
C SER A 403 12.10 -33.63 24.69
N VAL A 404 12.55 -32.40 24.53
CA VAL A 404 13.96 -32.07 24.66
C VAL A 404 14.14 -31.23 25.91
N PRO A 405 14.13 -31.82 27.11
CA PRO A 405 14.18 -31.02 28.34
C PRO A 405 15.50 -30.30 28.53
N SER A 406 16.55 -30.67 27.79
CA SER A 406 17.84 -30.00 27.94
C SER A 406 17.87 -28.63 27.28
N ASP A 407 17.06 -28.43 26.23
CA ASP A 407 17.07 -27.15 25.53
C ASP A 407 15.67 -26.65 25.18
N SER A 408 14.61 -27.30 25.64
CA SER A 408 13.25 -26.83 25.43
C SER A 408 12.60 -26.60 26.80
N PRO A 409 12.16 -25.38 27.11
CA PRO A 409 11.68 -25.10 28.47
C PRO A 409 10.35 -25.75 28.81
N ASP A 410 9.40 -25.73 27.87
CA ASP A 410 8.09 -26.35 28.13
C ASP A 410 8.23 -27.83 28.46
N ASP A 411 9.20 -28.50 27.82
CA ASP A 411 9.38 -29.93 28.04
C ASP A 411 9.79 -30.24 29.48
N ILE A 412 10.82 -29.55 29.97
CA ILE A 412 11.25 -29.78 31.35
C ILE A 412 10.18 -29.31 32.33
N ALA A 413 9.45 -28.23 31.98
CA ALA A 413 8.34 -27.83 32.82
C ALA A 413 7.35 -28.96 33.01
N ALA A 414 6.87 -29.55 31.90
CA ALA A 414 5.93 -30.65 31.99
C ALA A 414 6.53 -31.85 32.72
N LEU A 415 7.82 -32.13 32.48
CA LEU A 415 8.48 -33.24 33.15
C LEU A 415 8.46 -33.05 34.67
N ARG A 416 8.73 -31.84 35.13
CA ARG A 416 8.73 -31.59 36.57
C ARG A 416 7.32 -31.65 37.14
N ASP A 417 6.33 -31.12 36.42
CA ASP A 417 4.94 -31.26 36.86
C ASP A 417 4.58 -32.72 37.05
N LEU A 418 5.00 -33.59 36.12
CA LEU A 418 4.71 -35.02 36.28
C LEU A 418 5.52 -35.62 37.43
N LYS A 419 6.77 -35.19 37.59
CA LYS A 419 7.67 -35.82 38.55
C LYS A 419 7.35 -35.45 40.00
N LYS A 420 6.68 -34.32 40.24
CA LYS A 420 6.46 -33.88 41.61
C LYS A 420 5.48 -34.80 42.34
N LYS A 421 4.25 -34.91 41.85
CA LYS A 421 3.16 -35.54 42.58
C LYS A 421 2.69 -36.79 41.86
N GLN A 422 2.07 -37.70 42.63
CA GLN A 422 1.36 -38.81 42.02
C GLN A 422 0.11 -38.36 41.30
N ALA A 423 -0.39 -37.16 41.58
CA ALA A 423 -1.57 -36.67 40.88
C ALA A 423 -1.36 -36.67 39.38
N LEU A 424 -0.41 -35.86 38.90
CA LEU A 424 -0.22 -35.73 37.46
C LEU A 424 0.40 -36.99 36.86
N ARG A 425 1.30 -37.66 37.58
CA ARG A 425 1.94 -38.84 37.03
C ARG A 425 0.94 -39.98 36.84
N ALA A 426 0.05 -40.18 37.81
CA ALA A 426 -1.00 -41.17 37.66
C ALA A 426 -2.16 -40.67 36.81
N LYS A 427 -2.24 -39.36 36.55
CA LYS A 427 -3.37 -38.74 35.88
C LYS A 427 -3.67 -39.32 34.50
N TYR A 428 -2.80 -40.18 33.95
CA TYR A 428 -3.12 -40.80 32.68
C TYR A 428 -2.65 -42.25 32.58
N GLY A 429 -2.44 -42.92 33.72
CA GLY A 429 -1.85 -44.24 33.69
C GLY A 429 -0.37 -44.26 33.44
N ILE A 430 0.31 -43.12 33.60
CA ILE A 430 1.76 -43.02 33.41
C ILE A 430 2.41 -43.60 34.66
N ARG A 431 2.92 -44.83 34.56
CA ARG A 431 3.59 -45.46 35.67
C ARG A 431 4.88 -44.72 36.00
N ASP A 432 5.52 -45.16 37.10
CA ASP A 432 6.76 -44.52 37.54
C ASP A 432 7.85 -44.63 36.47
N ASP A 433 7.88 -45.74 35.74
CA ASP A 433 8.97 -46.02 34.81
C ASP A 433 8.99 -45.09 33.60
N MET A 434 7.94 -44.30 33.38
CA MET A 434 7.86 -43.42 32.23
C MET A 434 8.22 -41.97 32.54
N VAL A 435 8.50 -41.65 33.81
CA VAL A 435 8.80 -40.27 34.18
C VAL A 435 10.11 -40.18 34.94
N LEU A 436 10.25 -40.99 36.01
CA LEU A 436 11.36 -40.80 36.94
C LEU A 436 12.74 -40.95 36.30
N PRO A 437 13.09 -42.08 35.66
CA PRO A 437 14.47 -42.24 35.19
C PRO A 437 14.84 -41.36 34.01
N PHE A 438 13.92 -40.52 33.52
CA PHE A 438 14.18 -39.69 32.34
C PHE A 438 14.71 -38.33 32.80
N GLU A 439 16.04 -38.20 32.81
CA GLU A 439 16.72 -36.95 33.12
C GLU A 439 17.06 -36.21 31.84
N PRO A 440 17.25 -34.89 31.91
CA PRO A 440 17.70 -34.16 30.72
C PRO A 440 19.08 -34.65 30.27
N VAL A 441 19.26 -34.70 28.96
CA VAL A 441 20.47 -35.24 28.35
C VAL A 441 21.28 -34.08 27.78
N PRO A 442 22.47 -33.79 28.29
CA PRO A 442 23.27 -32.68 27.75
C PRO A 442 23.73 -32.92 26.32
N VAL A 443 23.18 -32.15 25.38
CA VAL A 443 23.47 -32.32 23.97
C VAL A 443 24.08 -31.05 23.36
N ILE A 444 23.52 -29.89 23.67
CA ILE A 444 24.00 -28.62 23.15
C ILE A 444 24.42 -27.75 24.32
N GLU A 445 25.65 -27.23 24.28
CA GLU A 445 26.16 -26.32 25.29
C GLU A 445 26.08 -24.90 24.78
N ILE A 446 25.30 -24.07 25.46
CA ILE A 446 25.30 -22.63 25.23
C ILE A 446 26.21 -22.00 26.28
N PRO A 447 27.23 -21.23 25.90
CA PRO A 447 28.28 -20.85 26.85
C PRO A 447 27.78 -20.13 28.09
N GLY A 448 26.72 -19.34 27.97
CA GLY A 448 26.27 -18.57 29.12
C GLY A 448 25.43 -19.33 30.14
N PHE A 449 25.04 -20.56 29.84
CA PHE A 449 24.10 -21.25 30.70
C PHE A 449 24.55 -22.67 31.04
N GLY A 450 25.32 -23.29 30.16
CA GLY A 450 25.85 -24.62 30.39
C GLY A 450 25.27 -25.63 29.41
N ASN A 451 25.53 -26.91 29.72
CA ASN A 451 25.03 -27.99 28.88
C ASN A 451 23.51 -28.05 28.88
N LEU A 452 22.91 -27.75 30.03
CA LEU A 452 21.46 -27.74 30.19
C LEU A 452 21.01 -26.29 30.25
N SER A 453 20.66 -25.73 29.09
CA SER A 453 20.40 -24.30 28.98
C SER A 453 19.02 -23.93 29.51
N ALA A 454 17.97 -24.55 28.95
CA ALA A 454 16.61 -24.23 29.37
C ALA A 454 16.43 -24.49 30.87
N VAL A 455 17.06 -25.54 31.39
CA VAL A 455 16.96 -25.85 32.80
C VAL A 455 17.44 -24.67 33.64
N THR A 456 18.64 -24.18 33.33
CA THR A 456 19.22 -23.10 34.12
C THR A 456 18.43 -21.80 33.96
N ILE A 457 18.02 -21.47 32.74
CA ILE A 457 17.32 -20.21 32.55
C ILE A 457 15.94 -20.26 33.20
N CYS A 458 15.31 -21.43 33.28
CA CYS A 458 14.02 -21.52 33.95
C CYS A 458 14.18 -21.50 35.46
N ASP A 459 15.20 -22.19 35.98
CA ASP A 459 15.48 -22.11 37.41
C ASP A 459 15.88 -20.72 37.85
N GLU A 460 16.40 -19.91 36.94
CA GLU A 460 16.81 -18.55 37.31
C GLU A 460 15.65 -17.56 37.23
N LEU A 461 14.78 -17.69 36.23
CA LEU A 461 13.62 -16.84 36.12
C LEU A 461 12.47 -17.28 37.03
N LYS A 462 12.71 -18.29 37.87
CA LYS A 462 11.81 -18.70 38.94
C LYS A 462 10.43 -19.09 38.39
N ILE A 463 10.44 -20.17 37.60
CA ILE A 463 9.26 -20.68 36.91
C ILE A 463 8.87 -22.01 37.54
N GLN A 464 7.58 -22.18 37.85
CA GLN A 464 7.13 -23.44 38.45
C GLN A 464 5.81 -23.92 37.84
N SER A 465 5.48 -23.45 36.63
CA SER A 465 4.24 -23.90 35.95
C SER A 465 4.44 -23.99 34.44
N GLN A 466 4.52 -25.21 33.90
CA GLN A 466 4.51 -25.47 32.43
C GLN A 466 3.42 -24.59 31.82
N ASN A 467 2.34 -24.40 32.56
CA ASN A 467 1.29 -23.45 32.20
C ASN A 467 1.62 -22.01 32.58
N ASP A 468 2.82 -21.73 33.08
CA ASP A 468 3.26 -20.35 33.29
C ASP A 468 3.58 -19.73 31.94
N ARG A 469 2.57 -19.18 31.27
CA ARG A 469 2.75 -18.73 29.89
C ARG A 469 3.71 -17.55 29.83
N GLU A 470 3.60 -16.61 30.78
CA GLU A 470 4.51 -15.46 30.81
C GLU A 470 5.95 -15.93 30.99
N LYS A 471 6.19 -16.78 31.99
CA LYS A 471 7.54 -17.21 32.32
C LYS A 471 8.10 -18.20 31.31
N LEU A 472 7.25 -19.06 30.74
CA LEU A 472 7.71 -19.93 29.66
C LEU A 472 8.07 -19.13 28.43
N ALA A 473 7.28 -18.11 28.08
CA ALA A 473 7.63 -17.24 26.97
C ALA A 473 8.96 -16.55 27.21
N GLU A 474 9.15 -16.03 28.41
CA GLU A 474 10.43 -15.41 28.78
C GLU A 474 11.59 -16.38 28.60
N ALA A 475 11.49 -17.56 29.22
CA ALA A 475 12.60 -18.51 29.19
C ALA A 475 12.89 -18.99 27.78
N LYS A 476 11.84 -19.18 26.97
CA LYS A 476 12.08 -19.59 25.59
C LYS A 476 12.72 -18.46 24.78
N GLU A 477 12.36 -17.21 25.08
CA GLU A 477 12.98 -16.09 24.39
C GLU A 477 14.45 -15.95 24.74
N LYS A 478 14.84 -16.29 25.97
CA LYS A 478 16.21 -15.99 26.40
C LYS A 478 17.24 -16.77 25.59
N ILE A 479 17.01 -18.07 25.37
CA ILE A 479 17.94 -18.89 24.60
C ILE A 479 17.37 -19.24 23.21
N TYR A 480 16.46 -18.42 22.71
CA TYR A 480 15.82 -18.73 21.42
C TYR A 480 16.84 -18.85 20.31
N LEU A 481 17.65 -17.80 20.11
CA LEU A 481 18.63 -17.80 19.03
C LEU A 481 20.04 -18.09 19.49
N LYS A 482 20.34 -17.95 20.78
CA LYS A 482 21.67 -18.29 21.27
C LYS A 482 22.00 -19.77 21.13
N GLY A 483 21.00 -20.61 20.86
CA GLY A 483 21.23 -21.99 20.48
C GLY A 483 21.38 -22.21 18.99
N PHE A 484 21.13 -21.17 18.18
CA PHE A 484 21.28 -21.28 16.73
C PHE A 484 22.73 -21.09 16.31
N TYR A 485 23.43 -20.13 16.93
CA TYR A 485 24.83 -19.87 16.62
C TYR A 485 25.75 -20.30 17.75
N GLU A 486 25.53 -19.80 18.96
CA GLU A 486 26.42 -20.08 20.08
C GLU A 486 26.32 -21.51 20.58
N GLY A 487 25.30 -22.25 20.18
CA GLY A 487 25.19 -23.64 20.59
C GLY A 487 26.29 -24.50 19.97
N ILE A 488 26.74 -25.48 20.75
CA ILE A 488 27.81 -26.39 20.33
C ILE A 488 27.38 -27.81 20.65
N MET A 489 27.51 -28.70 19.67
CA MET A 489 27.18 -30.10 19.87
C MET A 489 28.12 -30.75 20.88
N LEU A 490 27.61 -31.78 21.56
CA LEU A 490 28.38 -32.54 22.53
C LEU A 490 28.48 -34.02 22.20
N VAL A 491 27.58 -34.56 21.38
CA VAL A 491 27.60 -35.99 21.12
C VAL A 491 28.76 -36.35 20.20
N ASP A 492 29.06 -37.64 20.15
CA ASP A 492 30.18 -38.13 19.37
C ASP A 492 29.98 -37.87 17.89
N GLY A 493 31.09 -37.72 17.18
CA GLY A 493 31.05 -37.40 15.76
C GLY A 493 30.94 -35.92 15.51
N PHE A 494 30.21 -35.21 16.39
CA PHE A 494 30.04 -33.77 16.28
C PHE A 494 30.58 -33.03 17.49
N LYS A 495 31.50 -33.64 18.23
CA LYS A 495 32.03 -33.02 19.45
C LYS A 495 32.75 -31.72 19.13
N GLY A 496 32.18 -30.60 19.53
CA GLY A 496 32.77 -29.30 19.24
C GLY A 496 32.44 -28.74 17.87
N GLN A 497 31.18 -28.85 17.44
CA GLN A 497 30.75 -28.34 16.15
C GLN A 497 29.77 -27.18 16.34
N LYS A 498 29.90 -26.17 15.49
CA LYS A 498 28.90 -25.11 15.44
C LYS A 498 27.58 -25.69 14.95
N VAL A 499 26.54 -25.56 15.77
CA VAL A 499 25.24 -26.15 15.43
C VAL A 499 24.69 -25.57 14.14
N GLN A 500 25.09 -24.34 13.80
CA GLN A 500 24.67 -23.73 12.55
C GLN A 500 25.16 -24.51 11.33
N ASP A 501 26.25 -25.27 11.47
CA ASP A 501 26.88 -25.95 10.36
C ASP A 501 26.59 -27.44 10.30
N VAL A 502 25.75 -27.96 11.20
CA VAL A 502 25.56 -29.42 11.27
C VAL A 502 24.09 -29.81 11.27
N LYS A 503 23.20 -28.84 11.50
CA LYS A 503 21.77 -29.19 11.60
C LYS A 503 21.25 -29.82 10.32
N LYS A 504 21.70 -29.32 9.17
CA LYS A 504 21.25 -29.87 7.90
C LYS A 504 21.86 -31.26 7.67
N THR A 505 23.12 -31.44 8.05
CA THR A 505 23.76 -32.74 7.89
C THR A 505 23.17 -33.77 8.83
N ILE A 506 22.77 -33.37 10.05
CA ILE A 506 22.11 -34.29 10.96
C ILE A 506 20.72 -34.65 10.42
N GLN A 507 20.01 -33.66 9.88
CA GLN A 507 18.73 -33.94 9.22
C GLN A 507 18.90 -34.96 8.11
N LYS A 508 19.92 -34.78 7.27
CA LYS A 508 20.17 -35.71 6.17
C LYS A 508 20.57 -37.08 6.70
N LYS A 509 21.33 -37.12 7.80
CA LYS A 509 21.69 -38.39 8.41
C LYS A 509 20.47 -39.16 8.87
N MET A 510 19.51 -38.45 9.49
CA MET A 510 18.28 -39.11 9.92
C MET A 510 17.44 -39.56 8.72
N ILE A 511 17.40 -38.75 7.66
CA ILE A 511 16.60 -39.11 6.50
C ILE A 511 17.17 -40.33 5.79
N ASP A 512 18.49 -40.35 5.59
CA ASP A 512 19.13 -41.50 4.95
C ASP A 512 18.97 -42.77 5.79
N ALA A 513 18.90 -42.62 7.11
CA ALA A 513 18.61 -43.76 7.97
C ALA A 513 17.16 -44.21 7.87
N GLY A 514 16.32 -43.48 7.14
CA GLY A 514 14.92 -43.83 7.03
C GLY A 514 14.11 -43.54 8.26
N ASP A 515 14.54 -42.58 9.08
CA ASP A 515 13.86 -42.26 10.34
C ASP A 515 13.32 -40.83 10.37
N ALA A 516 13.41 -40.09 9.27
CA ALA A 516 12.92 -38.73 9.22
C ALA A 516 12.57 -38.36 7.79
N LEU A 517 11.56 -37.50 7.64
CA LEU A 517 11.08 -37.06 6.35
C LEU A 517 10.90 -35.54 6.36
N ILE A 518 10.48 -35.00 5.21
CA ILE A 518 10.28 -33.58 5.02
C ILE A 518 8.78 -33.30 5.02
N TYR A 519 8.34 -32.36 5.85
CA TYR A 519 6.94 -31.99 5.96
C TYR A 519 6.83 -30.49 5.72
N MET A 520 6.09 -30.12 4.68
CA MET A 520 5.89 -28.71 4.33
C MET A 520 4.50 -28.27 4.77
N GLU A 521 4.43 -27.17 5.50
CA GLU A 521 3.18 -26.69 6.06
C GLU A 521 3.03 -25.20 5.79
N PRO A 522 1.81 -24.72 5.56
CA PRO A 522 1.62 -23.26 5.46
C PRO A 522 2.03 -22.59 6.76
N GLU A 523 2.96 -21.63 6.64
CA GLU A 523 3.51 -20.96 7.82
C GLU A 523 2.40 -20.36 8.67
N LYS A 524 1.34 -19.87 8.05
CA LYS A 524 0.12 -19.49 8.73
C LYS A 524 -1.07 -20.02 7.95
N GLN A 525 -2.21 -20.12 8.64
CA GLN A 525 -3.42 -20.65 8.02
C GLN A 525 -3.83 -19.76 6.85
N VAL A 526 -4.03 -20.39 5.69
CA VAL A 526 -4.36 -19.69 4.46
C VAL A 526 -5.72 -20.19 3.97
N MET A 527 -6.64 -19.26 3.74
CA MET A 527 -7.93 -19.56 3.13
C MET A 527 -7.92 -19.16 1.67
N SER A 528 -8.46 -20.03 0.82
CA SER A 528 -8.53 -19.75 -0.61
C SER A 528 -9.76 -18.91 -0.92
N ARG A 529 -9.98 -18.65 -2.21
CA ARG A 529 -11.19 -17.95 -2.63
C ARG A 529 -12.43 -18.80 -2.37
N SER A 530 -12.28 -20.13 -2.36
CA SER A 530 -13.40 -21.05 -2.18
C SER A 530 -13.61 -21.44 -0.73
N SER A 531 -13.14 -20.62 0.22
CA SER A 531 -13.25 -20.90 1.66
C SER A 531 -12.63 -22.24 2.02
N ASP A 532 -11.60 -22.65 1.28
CA ASP A 532 -10.91 -23.91 1.51
C ASP A 532 -9.59 -23.63 2.21
N GLU A 533 -9.28 -24.41 3.24
CA GLU A 533 -8.01 -24.27 3.95
C GLU A 533 -6.89 -24.80 3.07
N CYS A 534 -6.00 -23.92 2.64
CA CYS A 534 -4.91 -24.31 1.76
C CYS A 534 -3.88 -25.14 2.50
N VAL A 535 -3.19 -26.00 1.75
CA VAL A 535 -2.12 -26.84 2.26
C VAL A 535 -0.95 -26.73 1.31
N VAL A 536 0.25 -27.01 1.81
CA VAL A 536 1.44 -26.98 0.96
C VAL A 536 1.55 -28.32 0.26
N ALA A 537 1.39 -28.33 -1.06
CA ALA A 537 1.44 -29.53 -1.86
C ALA A 537 2.67 -29.53 -2.75
N LEU A 538 3.28 -30.72 -2.90
CA LEU A 538 4.34 -30.93 -3.88
C LEU A 538 3.68 -31.40 -5.16
N CYS A 539 3.50 -30.48 -6.11
CA CYS A 539 2.82 -30.78 -7.36
C CYS A 539 3.70 -30.36 -8.53
N ASP A 540 3.45 -30.97 -9.68
CA ASP A 540 4.14 -30.58 -10.91
C ASP A 540 3.35 -29.49 -11.61
N GLN A 541 4.06 -28.46 -12.05
CA GLN A 541 3.44 -27.30 -12.67
C GLN A 541 4.46 -26.59 -13.54
N TRP A 542 3.97 -25.66 -14.35
CA TRP A 542 4.81 -24.71 -15.07
C TRP A 542 4.96 -23.46 -14.20
N TYR A 543 6.20 -23.09 -13.93
CA TYR A 543 6.52 -21.98 -13.05
C TYR A 543 7.52 -21.05 -13.71
N LEU A 544 7.45 -19.78 -13.32
CA LEU A 544 8.44 -18.79 -13.72
C LEU A 544 9.60 -18.84 -12.75
N ASP A 545 10.80 -19.07 -13.26
CA ASP A 545 11.99 -19.19 -12.43
C ASP A 545 12.50 -17.79 -12.09
N TYR A 546 11.79 -17.15 -11.16
CA TYR A 546 12.17 -15.82 -10.68
C TYR A 546 13.42 -15.84 -9.81
N GLY A 547 14.00 -17.00 -9.54
CA GLY A 547 15.19 -17.11 -8.72
C GLY A 547 16.51 -17.15 -9.47
N GLU A 548 16.49 -17.01 -10.79
CA GLU A 548 17.72 -17.01 -11.56
C GLU A 548 18.63 -15.87 -11.12
N GLU A 549 19.92 -16.19 -10.96
CA GLU A 549 20.87 -15.18 -10.49
C GLU A 549 20.97 -14.01 -11.47
N ASN A 550 21.18 -14.32 -12.76
CA ASN A 550 21.34 -13.27 -13.76
C ASN A 550 20.07 -12.43 -13.88
N TRP A 551 18.90 -13.08 -13.93
CA TRP A 551 17.64 -12.36 -14.05
C TRP A 551 17.39 -11.49 -12.82
N LYS A 552 17.63 -12.03 -11.63
CA LYS A 552 17.43 -11.26 -10.41
C LYS A 552 18.38 -10.07 -10.35
N LYS A 553 19.61 -10.24 -10.83
CA LYS A 553 20.57 -9.14 -10.82
C LYS A 553 20.18 -8.05 -11.81
N GLN A 554 19.68 -8.46 -12.99
CA GLN A 554 19.21 -7.47 -13.95
C GLN A 554 18.01 -6.70 -13.41
N THR A 555 17.10 -7.40 -12.72
CA THR A 555 15.97 -6.70 -12.10
C THR A 555 16.42 -5.80 -10.95
N SER A 556 17.51 -6.18 -10.27
CA SER A 556 18.07 -5.30 -9.24
C SER A 556 18.61 -4.03 -9.86
N GLN A 557 19.27 -4.14 -11.02
CA GLN A 557 19.69 -2.94 -11.75
C GLN A 557 18.50 -2.10 -12.16
N CYS A 558 17.43 -2.74 -12.64
CA CYS A 558 16.21 -2.01 -12.97
C CYS A 558 15.66 -1.26 -11.76
N LEU A 559 15.68 -1.90 -10.60
CA LEU A 559 15.22 -1.25 -9.37
C LEU A 559 16.12 -0.07 -9.00
N LYS A 560 17.43 -0.22 -9.19
CA LYS A 560 18.35 0.89 -8.99
C LYS A 560 17.97 2.07 -9.88
N ASN A 561 17.63 1.80 -11.13
CA ASN A 561 17.22 2.86 -12.04
C ASN A 561 15.79 3.32 -11.81
N LEU A 562 14.95 2.49 -11.20
CA LEU A 562 13.55 2.83 -11.01
C LEU A 562 13.39 3.96 -10.00
N GLU A 563 12.36 4.78 -10.21
CA GLU A 563 12.06 5.92 -9.35
C GLU A 563 10.93 5.53 -8.40
N THR A 564 11.27 5.31 -7.13
CA THR A 564 10.29 5.06 -6.08
C THR A 564 10.18 6.32 -5.21
N PHE A 565 8.94 6.75 -4.97
CA PHE A 565 8.72 8.07 -4.38
C PHE A 565 9.08 8.14 -2.89
N CYS A 566 9.38 7.01 -2.25
CA CYS A 566 9.86 7.03 -0.88
C CYS A 566 10.86 5.89 -0.71
N GLU A 567 11.54 5.90 0.43
CA GLU A 567 12.53 4.87 0.69
C GLU A 567 11.91 3.58 1.22
N GLU A 568 10.75 3.67 1.87
CA GLU A 568 10.07 2.47 2.33
C GLU A 568 9.59 1.61 1.17
N THR A 569 9.20 2.25 0.06
CA THR A 569 8.81 1.49 -1.12
C THR A 569 9.99 0.70 -1.68
N ARG A 570 11.16 1.36 -1.78
CA ARG A 570 12.36 0.66 -2.21
C ARG A 570 12.76 -0.43 -1.22
N ARG A 571 12.52 -0.22 0.07
CA ARG A 571 12.78 -1.26 1.06
C ARG A 571 11.92 -2.49 0.79
N ASN A 572 10.62 -2.28 0.62
CA ASN A 572 9.72 -3.39 0.31
C ASN A 572 10.13 -4.08 -0.98
N PHE A 573 10.55 -3.31 -1.98
CA PHE A 573 10.96 -3.89 -3.26
C PHE A 573 12.21 -4.75 -3.11
N GLU A 574 13.22 -4.25 -2.40
CA GLU A 574 14.43 -5.03 -2.18
C GLU A 574 14.14 -6.29 -1.37
N ALA A 575 13.26 -6.18 -0.37
CA ALA A 575 12.91 -7.35 0.44
C ALA A 575 12.20 -8.41 -0.40
N THR A 576 11.17 -8.01 -1.15
CA THR A 576 10.46 -8.96 -1.99
C THR A 576 11.30 -9.47 -3.14
N LEU A 577 12.38 -8.75 -3.50
CA LEU A 577 13.32 -9.26 -4.49
C LEU A 577 14.22 -10.33 -3.89
N GLY A 578 14.69 -10.12 -2.66
CA GLY A 578 15.48 -11.14 -2.00
C GLY A 578 14.69 -12.35 -1.58
N TRP A 579 13.38 -12.20 -1.40
CA TRP A 579 12.52 -13.29 -0.95
C TRP A 579 11.99 -14.15 -2.08
N LEU A 580 11.98 -13.65 -3.31
CA LEU A 580 11.26 -14.31 -4.40
C LEU A 580 12.03 -15.52 -4.92
N GLN A 581 11.26 -16.51 -5.38
CA GLN A 581 11.79 -17.77 -5.92
C GLN A 581 10.82 -18.25 -6.99
N GLU A 582 10.90 -19.53 -7.32
CA GLU A 582 10.00 -20.12 -8.31
C GLU A 582 8.54 -19.84 -7.97
N HIS A 583 7.82 -19.30 -8.94
CA HIS A 583 6.42 -18.89 -8.75
C HIS A 583 5.54 -19.66 -9.71
N ALA A 584 4.59 -20.42 -9.17
CA ALA A 584 3.71 -21.23 -10.00
C ALA A 584 2.69 -20.34 -10.72
N CYS A 585 2.75 -20.34 -12.05
CA CYS A 585 1.85 -19.54 -12.86
C CYS A 585 0.76 -20.37 -13.53
N SER A 586 0.72 -21.68 -13.30
CA SER A 586 -0.21 -22.58 -13.97
C SER A 586 -1.41 -22.86 -13.08
N ARG A 587 -2.60 -22.77 -13.66
CA ARG A 587 -3.85 -23.07 -12.97
C ARG A 587 -4.69 -24.01 -13.83
N THR A 588 -5.74 -24.55 -13.23
CA THR A 588 -6.67 -25.42 -13.92
C THR A 588 -8.11 -24.93 -13.89
N TYR A 589 -8.48 -24.14 -12.90
CA TYR A 589 -9.85 -23.70 -12.69
C TYR A 589 -9.88 -22.18 -12.63
N GLY A 590 -10.65 -21.56 -13.51
CA GLY A 590 -10.75 -20.13 -13.58
C GLY A 590 -10.93 -19.67 -15.01
N LEU A 591 -10.51 -18.44 -15.27
CA LEU A 591 -10.59 -17.82 -16.59
C LEU A 591 -9.18 -17.43 -17.04
N GLY A 592 -9.11 -16.84 -18.24
CA GLY A 592 -7.86 -16.35 -18.79
C GLY A 592 -7.55 -17.01 -20.13
N THR A 593 -6.26 -17.25 -20.37
CA THR A 593 -5.77 -17.78 -21.62
C THR A 593 -4.99 -19.06 -21.36
N HIS A 594 -5.27 -20.10 -22.16
CA HIS A 594 -4.55 -21.35 -22.02
C HIS A 594 -3.10 -21.20 -22.45
N LEU A 595 -2.24 -22.08 -21.93
CA LEU A 595 -0.88 -22.15 -22.40
C LEU A 595 -0.88 -22.54 -23.88
N PRO A 596 -0.14 -21.83 -24.73
CA PRO A 596 -0.23 -22.13 -26.18
C PRO A 596 0.30 -23.50 -26.56
N TRP A 597 1.33 -24.01 -25.87
CA TRP A 597 1.83 -25.34 -26.17
C TRP A 597 1.13 -26.43 -25.37
N ASP A 598 0.65 -26.11 -24.17
CA ASP A 598 -0.09 -27.04 -23.33
C ASP A 598 -1.50 -26.45 -23.12
N GLU A 599 -2.42 -26.84 -24.00
CA GLU A 599 -3.75 -26.23 -24.04
C GLU A 599 -4.54 -26.41 -22.76
N GLN A 600 -4.10 -27.27 -21.84
CA GLN A 600 -4.89 -27.50 -20.63
C GLN A 600 -4.61 -26.46 -19.55
N TRP A 601 -3.36 -26.06 -19.39
CA TRP A 601 -2.97 -25.19 -18.28
C TRP A 601 -3.49 -23.77 -18.51
N LEU A 602 -4.31 -23.29 -17.58
CA LEU A 602 -4.70 -21.89 -17.59
C LEU A 602 -3.64 -21.04 -16.92
N ILE A 603 -3.66 -19.74 -17.24
CA ILE A 603 -2.69 -18.79 -16.71
C ILE A 603 -3.37 -17.98 -15.62
N GLU A 604 -2.77 -17.96 -14.44
CA GLU A 604 -3.34 -17.23 -13.32
C GLU A 604 -3.28 -15.72 -13.58
N SER A 605 -4.08 -14.98 -12.80
CA SER A 605 -4.26 -13.55 -13.05
C SER A 605 -2.96 -12.77 -12.85
N LEU A 606 -2.11 -13.18 -11.92
CA LEU A 606 -0.89 -12.44 -11.62
C LEU A 606 0.23 -12.70 -12.62
N SER A 607 0.03 -13.55 -13.62
CA SER A 607 1.05 -13.82 -14.62
C SER A 607 0.66 -13.40 -16.03
N ASP A 608 -0.62 -13.32 -16.35
CA ASP A 608 -1.07 -12.75 -17.61
C ASP A 608 -1.26 -11.25 -17.52
N SER A 609 -0.75 -10.60 -16.48
CA SER A 609 -0.94 -9.18 -16.23
C SER A 609 0.38 -8.52 -15.84
N THR A 610 1.44 -8.80 -16.61
CA THR A 610 2.76 -8.26 -16.31
C THR A 610 3.24 -7.23 -17.31
N ILE A 611 3.03 -7.44 -18.60
CA ILE A 611 3.49 -6.51 -19.62
C ILE A 611 2.34 -6.07 -20.52
N TYR A 612 1.11 -6.14 -20.00
CA TYR A 612 -0.06 -5.77 -20.80
C TYR A 612 -0.06 -4.31 -21.21
N MET A 613 0.77 -3.47 -20.60
CA MET A 613 0.78 -2.05 -20.93
C MET A 613 1.23 -1.80 -22.37
N ALA A 614 1.99 -2.73 -22.95
CA ALA A 614 2.29 -2.65 -24.37
C ALA A 614 1.04 -2.86 -25.22
N PHE A 615 0.11 -3.68 -24.74
CA PHE A 615 -1.14 -3.89 -25.47
C PHE A 615 -2.00 -2.62 -25.47
N TYR A 616 -1.81 -1.74 -24.47
CA TYR A 616 -2.51 -0.47 -24.45
C TYR A 616 -2.20 0.36 -25.69
N THR A 617 -0.93 0.33 -26.13
CA THR A 617 -0.47 1.19 -27.20
C THR A 617 -1.09 0.86 -28.56
N VAL A 618 -1.72 -0.32 -28.70
CA VAL A 618 -2.30 -0.74 -29.96
C VAL A 618 -3.74 -1.23 -29.82
N ALA A 619 -4.30 -1.24 -28.61
CA ALA A 619 -5.68 -1.69 -28.44
C ALA A 619 -6.67 -0.86 -29.24
N HIS A 620 -6.37 0.42 -29.47
CA HIS A 620 -7.30 1.26 -30.24
C HIS A 620 -7.26 0.93 -31.72
N LEU A 621 -6.17 0.36 -32.22
CA LEU A 621 -6.05 -0.01 -33.62
C LEU A 621 -6.33 -1.48 -33.90
N LEU A 622 -6.33 -2.32 -32.86
CA LEU A 622 -6.60 -3.74 -33.06
C LEU A 622 -8.09 -4.06 -32.92
N GLN A 623 -8.68 -3.75 -31.77
CA GLN A 623 -10.10 -3.99 -31.55
C GLN A 623 -10.93 -2.71 -31.50
N GLY A 624 -10.30 -1.56 -31.33
CA GLY A 624 -10.96 -0.27 -31.45
C GLY A 624 -12.21 -0.08 -30.60
N GLY A 625 -12.03 -0.04 -29.28
CA GLY A 625 -13.12 0.24 -28.36
C GLY A 625 -13.94 -0.95 -27.90
N ASN A 626 -14.27 -1.86 -28.82
CA ASN A 626 -15.04 -3.04 -28.46
C ASN A 626 -14.28 -3.87 -27.44
N LEU A 627 -14.88 -4.07 -26.28
CA LEU A 627 -14.16 -4.65 -25.14
C LEU A 627 -13.70 -6.07 -25.43
N HIS A 628 -14.60 -6.92 -25.93
CA HIS A 628 -14.29 -8.32 -26.16
C HIS A 628 -13.49 -8.54 -27.44
N GLY A 629 -13.34 -7.52 -28.28
CA GLY A 629 -12.66 -7.70 -29.55
C GLY A 629 -13.42 -8.54 -30.54
N GLN A 630 -14.75 -8.59 -30.42
CA GLN A 630 -15.56 -9.38 -31.34
C GLN A 630 -15.81 -8.65 -32.65
N ALA A 631 -15.86 -7.32 -32.63
CA ALA A 631 -16.20 -6.53 -33.79
C ALA A 631 -15.03 -6.48 -34.77
N GLU A 632 -15.16 -5.68 -35.81
CA GLU A 632 -14.12 -5.55 -36.82
C GLU A 632 -12.86 -4.90 -36.23
N SER A 633 -11.77 -5.06 -36.94
CA SER A 633 -10.55 -4.35 -36.60
C SER A 633 -10.48 -3.04 -37.38
N PRO A 634 -10.30 -1.90 -36.70
CA PRO A 634 -10.24 -0.62 -37.42
C PRO A 634 -9.11 -0.57 -38.45
N LEU A 635 -8.06 -1.36 -38.26
CA LEU A 635 -7.01 -1.51 -39.26
C LEU A 635 -7.25 -2.70 -40.17
N GLY A 636 -8.33 -3.45 -39.98
CA GLY A 636 -8.63 -4.57 -40.83
C GLY A 636 -7.77 -5.79 -40.60
N ILE A 637 -7.22 -5.93 -39.40
CA ILE A 637 -6.33 -7.05 -39.07
C ILE A 637 -7.14 -8.11 -38.34
N ARG A 638 -7.17 -9.31 -38.91
CA ARG A 638 -7.95 -10.40 -38.32
C ARG A 638 -7.37 -10.77 -36.96
N PRO A 639 -8.20 -11.31 -36.05
CA PRO A 639 -7.67 -11.72 -34.74
C PRO A 639 -6.61 -12.80 -34.83
N GLN A 640 -6.79 -13.78 -35.71
CA GLN A 640 -5.84 -14.87 -35.87
C GLN A 640 -4.60 -14.48 -36.65
N GLN A 641 -4.59 -13.31 -37.29
CA GLN A 641 -3.48 -12.92 -38.15
C GLN A 641 -2.23 -12.52 -37.38
N MET A 642 -2.35 -12.27 -36.06
CA MET A 642 -1.21 -11.87 -35.25
C MET A 642 -0.42 -13.12 -34.84
N THR A 643 0.74 -13.31 -35.44
CA THR A 643 1.62 -14.44 -35.13
C THR A 643 2.75 -13.95 -34.22
N LYS A 644 3.59 -14.91 -33.80
CA LYS A 644 4.68 -14.59 -32.90
C LYS A 644 5.64 -13.57 -33.51
N GLU A 645 6.01 -13.77 -34.78
CA GLU A 645 6.95 -12.86 -35.43
C GLU A 645 6.31 -11.51 -35.71
N VAL A 646 5.00 -11.47 -35.93
CA VAL A 646 4.30 -10.20 -36.09
C VAL A 646 4.40 -9.38 -34.81
N TRP A 647 4.10 -10.01 -33.67
CA TRP A 647 4.26 -9.34 -32.38
C TRP A 647 5.71 -8.91 -32.16
N ASP A 648 6.66 -9.76 -32.55
CA ASP A 648 8.07 -9.42 -32.41
C ASP A 648 8.41 -8.15 -33.18
N TYR A 649 7.95 -8.06 -34.44
CA TYR A 649 8.22 -6.87 -35.23
C TYR A 649 7.53 -5.65 -34.63
N VAL A 650 6.32 -5.83 -34.10
CA VAL A 650 5.60 -4.69 -33.52
C VAL A 650 6.30 -4.18 -32.26
N PHE A 651 6.94 -5.07 -31.49
CA PHE A 651 7.44 -4.69 -30.18
C PHE A 651 8.96 -4.73 -30.03
N PHE A 652 9.68 -5.48 -30.86
CA PHE A 652 11.13 -5.47 -30.83
C PHE A 652 11.66 -4.61 -31.98
N LYS A 653 12.64 -3.76 -31.66
CA LYS A 653 13.10 -2.76 -32.62
C LYS A 653 13.83 -3.41 -33.79
N GLU A 654 14.73 -4.36 -33.51
CA GLU A 654 15.55 -4.98 -34.54
C GLU A 654 14.93 -6.27 -35.09
N ALA A 655 13.60 -6.40 -35.02
CA ALA A 655 12.97 -7.61 -35.51
C ALA A 655 12.72 -7.51 -37.01
N PRO A 656 12.85 -8.62 -37.74
CA PRO A 656 12.62 -8.58 -39.18
C PRO A 656 11.14 -8.63 -39.53
N PHE A 657 10.80 -8.00 -40.64
CA PHE A 657 9.42 -8.01 -41.12
C PHE A 657 9.03 -9.43 -41.52
N PRO A 658 8.05 -10.04 -40.86
CA PRO A 658 7.74 -11.45 -41.12
C PRO A 658 6.83 -11.63 -42.33
N LYS A 659 6.73 -12.89 -42.75
CA LYS A 659 5.82 -13.28 -43.83
C LYS A 659 4.39 -13.20 -43.31
N THR A 660 3.68 -12.14 -43.68
CA THR A 660 2.32 -11.93 -43.21
C THR A 660 1.51 -11.24 -44.31
N GLN A 661 0.25 -11.64 -44.45
CA GLN A 661 -0.64 -10.99 -45.41
C GLN A 661 -1.01 -9.57 -44.99
N ILE A 662 -0.64 -9.14 -43.79
CA ILE A 662 -0.90 -7.78 -43.36
C ILE A 662 -0.02 -6.81 -44.14
N ALA A 663 -0.63 -5.75 -44.64
CA ALA A 663 0.15 -4.71 -45.33
C ALA A 663 1.12 -4.06 -44.37
N LYS A 664 2.21 -3.52 -44.93
CA LYS A 664 3.27 -2.94 -44.10
C LYS A 664 2.79 -1.71 -43.35
N GLU A 665 1.78 -1.01 -43.88
CA GLU A 665 1.34 0.24 -43.27
C GLU A 665 0.83 0.02 -41.85
N LYS A 666 0.01 -1.00 -41.65
CA LYS A 666 -0.61 -1.21 -40.34
C LYS A 666 0.42 -1.66 -39.30
N LEU A 667 1.31 -2.57 -39.69
CA LEU A 667 2.37 -3.00 -38.77
C LEU A 667 3.29 -1.84 -38.41
N ASP A 668 3.61 -1.00 -39.40
CA ASP A 668 4.44 0.18 -39.11
C ASP A 668 3.71 1.15 -38.19
N GLN A 669 2.40 1.29 -38.36
CA GLN A 669 1.63 2.17 -37.48
C GLN A 669 1.65 1.66 -36.05
N LEU A 670 1.47 0.35 -35.87
CA LEU A 670 1.51 -0.22 -34.52
C LEU A 670 2.90 -0.08 -33.91
N LYS A 671 3.95 -0.34 -34.69
CA LYS A 671 5.31 -0.19 -34.19
C LYS A 671 5.60 1.25 -33.81
N GLN A 672 5.09 2.19 -34.60
CA GLN A 672 5.25 3.61 -34.27
C GLN A 672 4.55 3.97 -32.97
N GLU A 673 3.30 3.53 -32.82
CA GLU A 673 2.57 3.73 -31.57
C GLU A 673 3.38 3.24 -30.38
N PHE A 674 3.85 1.99 -30.44
CA PHE A 674 4.58 1.41 -29.33
C PHE A 674 5.87 2.17 -29.06
N GLU A 675 6.73 2.30 -30.08
CA GLU A 675 8.00 2.98 -29.93
C GLU A 675 7.85 4.45 -29.53
N PHE A 676 6.66 5.02 -29.68
CA PHE A 676 6.44 6.38 -29.23
C PHE A 676 5.99 6.45 -27.77
N TRP A 677 5.02 5.62 -27.38
CA TRP A 677 4.45 5.77 -26.05
C TRP A 677 5.33 5.17 -24.96
N TYR A 678 5.99 4.06 -25.24
CA TYR A 678 6.78 3.39 -24.23
C TYR A 678 8.06 4.17 -23.90
N PRO A 679 8.62 3.99 -22.70
CA PRO A 679 8.18 3.08 -21.63
C PRO A 679 7.04 3.63 -20.77
N VAL A 680 6.68 2.87 -19.73
CA VAL A 680 5.67 3.33 -18.78
C VAL A 680 6.32 4.39 -17.88
N ASP A 681 5.87 5.63 -18.02
CA ASP A 681 6.44 6.71 -17.22
C ASP A 681 6.06 6.58 -15.75
N LEU A 682 4.87 6.03 -15.47
CA LEU A 682 4.38 5.98 -14.11
C LEU A 682 3.34 4.88 -13.98
N ARG A 683 3.38 4.17 -12.85
CA ARG A 683 2.38 3.18 -12.50
C ARG A 683 1.95 3.44 -11.06
N VAL A 684 0.70 3.84 -10.87
CA VAL A 684 0.17 4.13 -9.54
C VAL A 684 -0.60 2.92 -9.05
N SER A 685 -0.47 2.63 -7.76
CA SER A 685 -1.17 1.49 -7.19
C SER A 685 -1.17 1.60 -5.67
N GLY A 686 -1.94 0.72 -5.03
CA GLY A 686 -1.84 0.55 -3.60
C GLY A 686 -0.64 -0.29 -3.23
N LYS A 687 -0.16 -0.11 -1.99
CA LYS A 687 1.03 -0.82 -1.54
C LYS A 687 0.80 -2.31 -1.36
N ASP A 688 -0.42 -2.81 -1.59
CA ASP A 688 -0.68 -4.24 -1.49
C ASP A 688 -0.12 -5.00 -2.69
N LEU A 689 -0.05 -4.35 -3.86
CA LEU A 689 0.49 -4.97 -5.05
C LEU A 689 2.00 -4.85 -5.17
N VAL A 690 2.65 -4.28 -4.16
CA VAL A 690 4.12 -4.16 -4.21
C VAL A 690 4.82 -5.51 -4.18
N PRO A 691 4.55 -6.41 -3.23
CA PRO A 691 5.35 -7.64 -3.16
C PRO A 691 5.12 -8.59 -4.33
N ASN A 692 3.94 -8.58 -4.94
CA ASN A 692 3.61 -9.57 -5.97
C ASN A 692 3.51 -8.96 -7.36
N HIS A 693 2.61 -7.99 -7.58
CA HIS A 693 2.30 -7.59 -8.95
C HIS A 693 3.45 -6.81 -9.57
N LEU A 694 3.87 -5.72 -8.94
CA LEU A 694 4.90 -4.87 -9.54
C LEU A 694 6.24 -5.57 -9.60
N SER A 695 6.49 -6.54 -8.72
CA SER A 695 7.71 -7.34 -8.81
C SER A 695 7.74 -8.14 -10.12
N TYR A 696 6.67 -8.87 -10.41
CA TYR A 696 6.59 -9.60 -11.67
C TYR A 696 6.56 -8.64 -12.85
N TYR A 697 6.02 -7.44 -12.64
CA TYR A 697 5.99 -6.40 -13.65
C TYR A 697 7.41 -6.03 -14.09
N LEU A 698 8.26 -5.67 -13.13
CA LEU A 698 9.65 -5.36 -13.44
C LEU A 698 10.39 -6.59 -13.97
N TYR A 699 10.12 -7.76 -13.40
CA TYR A 699 10.78 -8.99 -13.84
C TYR A 699 10.51 -9.25 -15.32
N ASN A 700 9.24 -9.21 -15.72
CA ASN A 700 8.88 -9.48 -17.10
C ASN A 700 9.35 -8.37 -18.04
N HIS A 701 9.34 -7.12 -17.57
CA HIS A 701 9.87 -6.04 -18.41
C HIS A 701 11.37 -6.23 -18.67
N VAL A 702 12.09 -6.73 -17.66
CA VAL A 702 13.52 -7.01 -17.87
C VAL A 702 13.70 -8.21 -18.80
N ALA A 703 12.88 -9.25 -18.62
CA ALA A 703 13.08 -10.46 -19.40
C ALA A 703 12.73 -10.26 -20.87
N MET A 704 11.61 -9.59 -21.16
CA MET A 704 11.17 -9.47 -22.54
C MET A 704 12.09 -8.58 -23.37
N TRP A 705 12.56 -7.47 -22.79
CA TRP A 705 13.51 -6.57 -23.44
C TRP A 705 14.79 -6.54 -22.60
N PRO A 706 15.63 -7.58 -22.69
CA PRO A 706 16.88 -7.59 -21.93
C PRO A 706 17.97 -6.71 -22.51
N GLU A 707 17.76 -6.15 -23.71
CA GLU A 707 18.74 -5.28 -24.35
C GLU A 707 18.38 -3.81 -24.26
N GLN A 708 17.11 -3.48 -24.04
CA GLN A 708 16.62 -2.11 -24.10
C GLN A 708 16.18 -1.68 -22.70
N SER A 709 17.13 -1.16 -21.92
CA SER A 709 16.81 -0.60 -20.61
C SER A 709 15.98 0.67 -20.72
N ASP A 710 16.01 1.34 -21.87
CA ASP A 710 15.23 2.55 -22.08
C ASP A 710 13.72 2.28 -22.16
N LYS A 711 13.32 1.01 -22.24
CA LYS A 711 11.91 0.64 -22.31
C LYS A 711 11.42 0.01 -21.01
N TRP A 712 12.25 -0.02 -19.98
CA TRP A 712 11.86 -0.53 -18.68
C TRP A 712 11.01 0.50 -17.94
N PRO A 713 10.22 0.06 -16.96
CA PRO A 713 9.36 1.00 -16.23
C PRO A 713 10.16 2.14 -15.60
N THR A 714 9.60 3.34 -15.66
CA THR A 714 10.29 4.55 -15.20
C THR A 714 10.04 4.85 -13.73
N ALA A 715 8.78 4.84 -13.30
CA ALA A 715 8.44 5.20 -11.92
C ALA A 715 7.19 4.47 -11.49
N VAL A 716 7.10 4.24 -10.18
CA VAL A 716 5.95 3.58 -9.56
C VAL A 716 5.61 4.35 -8.29
N ARG A 717 4.32 4.62 -8.07
CA ARG A 717 3.84 5.35 -6.91
C ARG A 717 2.88 4.48 -6.12
N ALA A 718 3.19 4.27 -4.84
CA ALA A 718 2.40 3.45 -3.95
C ALA A 718 1.63 4.34 -2.97
N ASN A 719 0.34 4.05 -2.81
CA ASN A 719 -0.50 4.70 -1.82
C ASN A 719 -1.12 3.65 -0.91
N GLY A 720 -1.56 4.08 0.26
CA GLY A 720 -2.17 3.19 1.22
C GLY A 720 -3.60 2.84 0.85
N HIS A 721 -4.19 1.96 1.65
CA HIS A 721 -5.59 1.62 1.48
C HIS A 721 -6.47 2.73 2.03
N LEU A 722 -7.71 2.80 1.53
CA LEU A 722 -8.58 3.92 1.79
C LEU A 722 -9.42 3.67 3.04
N LEU A 723 -9.52 4.69 3.89
CA LEU A 723 -10.41 4.70 5.04
C LEU A 723 -11.53 5.70 4.79
N LEU A 724 -12.76 5.29 5.06
CA LEU A 724 -13.93 6.14 4.90
C LEU A 724 -14.41 6.56 6.29
N ASN A 725 -14.41 7.87 6.55
CA ASN A 725 -14.75 8.41 7.86
C ASN A 725 -13.89 7.79 8.96
N SER A 726 -12.59 7.68 8.67
CA SER A 726 -11.59 7.13 9.59
C SER A 726 -11.85 5.67 9.95
N GLU A 727 -12.68 4.99 9.16
CA GLU A 727 -13.01 3.59 9.40
C GLU A 727 -12.69 2.75 8.17
N LYS A 728 -12.48 1.45 8.41
CA LYS A 728 -12.20 0.53 7.32
C LYS A 728 -13.42 0.38 6.41
N MET A 729 -13.17 0.36 5.11
CA MET A 729 -14.23 0.21 4.12
C MET A 729 -14.55 -1.28 3.99
N SER A 730 -15.62 -1.71 4.65
CA SER A 730 -16.05 -3.11 4.62
C SER A 730 -17.56 -3.16 4.54
N LYS A 731 -18.08 -4.10 3.74
CA LYS A 731 -19.52 -4.26 3.60
C LYS A 731 -20.20 -4.70 4.89
N SER A 732 -19.43 -5.18 5.88
CA SER A 732 -20.03 -5.68 7.11
C SER A 732 -20.38 -4.56 8.08
N THR A 733 -19.62 -3.46 8.07
CA THR A 733 -19.83 -2.37 9.01
C THR A 733 -20.71 -1.26 8.45
N GLY A 734 -21.30 -1.45 7.27
CA GLY A 734 -22.14 -0.43 6.68
C GLY A 734 -21.41 0.83 6.25
N ASN A 735 -20.08 0.85 6.33
CA ASN A 735 -19.27 1.98 5.93
C ASN A 735 -18.58 1.59 4.61
N PHE A 736 -19.29 1.81 3.51
CA PHE A 736 -18.82 1.38 2.20
C PHE A 736 -19.47 2.24 1.14
N LEU A 737 -18.71 2.57 0.10
CA LEU A 737 -19.19 3.40 -1.01
C LEU A 737 -18.65 2.86 -2.32
N THR A 738 -19.52 2.34 -3.17
CA THR A 738 -19.15 2.07 -4.54
C THR A 738 -18.91 3.39 -5.28
N LEU A 739 -18.30 3.30 -6.46
CA LEU A 739 -18.02 4.50 -7.23
C LEU A 739 -19.31 5.21 -7.65
N THR A 740 -20.32 4.46 -8.08
CA THR A 740 -21.57 5.08 -8.50
C THR A 740 -22.28 5.73 -7.32
N GLN A 741 -22.26 5.09 -6.14
CA GLN A 741 -22.86 5.71 -4.96
C GLN A 741 -22.10 6.95 -4.54
N ALA A 742 -20.76 6.90 -4.57
CA ALA A 742 -19.96 8.06 -4.19
C ALA A 742 -20.20 9.22 -5.14
N ILE A 743 -20.39 8.94 -6.44
CA ILE A 743 -20.66 9.99 -7.39
C ILE A 743 -22.06 10.55 -7.19
N ASP A 744 -23.05 9.67 -6.97
CA ASP A 744 -24.41 10.13 -6.69
C ASP A 744 -24.47 11.00 -5.45
N LYS A 745 -23.60 10.74 -4.47
CA LYS A 745 -23.66 11.48 -3.22
C LYS A 745 -22.78 12.72 -3.19
N PHE A 746 -21.68 12.75 -3.94
CA PHE A 746 -20.70 13.82 -3.77
C PHE A 746 -20.23 14.45 -5.09
N SER A 747 -21.02 14.37 -6.16
CA SER A 747 -20.78 15.23 -7.32
C SER A 747 -19.37 15.05 -7.89
N ALA A 748 -19.13 13.94 -8.60
CA ALA A 748 -17.81 13.35 -8.83
C ALA A 748 -16.64 14.33 -8.81
N ASP A 749 -16.82 15.51 -9.41
CA ASP A 749 -15.87 16.61 -9.19
C ASP A 749 -15.51 16.73 -7.72
N GLY A 750 -16.52 16.89 -6.86
CA GLY A 750 -16.26 17.01 -5.43
C GLY A 750 -15.72 15.74 -4.80
N MET A 751 -16.14 14.59 -5.31
CA MET A 751 -15.54 13.33 -4.84
C MET A 751 -14.05 13.30 -5.15
N ARG A 752 -13.66 13.72 -6.36
CA ARG A 752 -12.25 13.82 -6.70
C ARG A 752 -11.54 14.82 -5.80
N LEU A 753 -12.21 15.91 -5.44
CA LEU A 753 -11.63 16.88 -4.52
C LEU A 753 -11.30 16.24 -3.18
N ALA A 754 -12.31 15.60 -2.57
CA ALA A 754 -12.10 14.95 -1.29
C ALA A 754 -11.08 13.83 -1.38
N LEU A 755 -10.98 13.17 -2.54
CA LEU A 755 -9.97 12.14 -2.72
C LEU A 755 -8.57 12.73 -2.78
N ALA A 756 -8.41 13.86 -3.49
CA ALA A 756 -7.13 14.54 -3.50
C ALA A 756 -6.73 14.98 -2.10
N ASP A 757 -7.70 15.34 -1.26
CA ASP A 757 -7.38 15.67 0.12
C ASP A 757 -7.23 14.44 1.02
N ALA A 758 -7.67 13.26 0.56
CA ALA A 758 -7.63 12.07 1.41
C ALA A 758 -6.22 11.77 1.92
N GLY A 759 -5.22 11.99 1.08
CA GLY A 759 -3.85 11.75 1.49
C GLY A 759 -2.96 11.45 0.32
N ASP A 760 -1.65 11.58 0.56
CA ASP A 760 -0.65 11.31 -0.46
C ASP A 760 0.56 10.56 0.09
N THR A 761 0.42 9.93 1.26
CA THR A 761 1.51 9.20 1.89
C THR A 761 1.31 7.69 1.70
N VAL A 762 2.28 6.92 2.17
CA VAL A 762 2.15 5.46 2.11
C VAL A 762 1.15 4.98 3.16
N GLU A 763 0.99 5.73 4.25
CA GLU A 763 -0.02 5.40 5.24
C GLU A 763 -1.42 5.50 4.62
N ASP A 764 -2.39 4.92 5.30
CA ASP A 764 -3.75 4.86 4.79
C ASP A 764 -4.38 6.24 4.74
N ALA A 765 -5.01 6.57 3.62
CA ALA A 765 -5.68 7.84 3.46
C ALA A 765 -7.08 7.77 4.10
N ASN A 766 -7.63 8.95 4.38
CA ASN A 766 -8.91 9.07 5.07
C ASN A 766 -9.86 9.91 4.25
N PHE A 767 -11.01 9.34 3.90
CA PHE A 767 -12.06 10.03 3.15
C PHE A 767 -13.12 10.49 4.14
N VAL A 768 -13.25 11.80 4.31
CA VAL A 768 -14.20 12.40 5.24
C VAL A 768 -15.35 12.99 4.43
N GLU A 769 -16.57 12.50 4.72
CA GLU A 769 -17.74 12.96 3.98
C GLU A 769 -18.06 14.42 4.30
N ALA A 770 -17.90 14.81 5.56
CA ALA A 770 -18.13 16.20 5.94
C ALA A 770 -17.18 17.13 5.20
N MET A 771 -15.93 16.69 4.99
CA MET A 771 -14.99 17.49 4.21
C MET A 771 -15.45 17.62 2.76
N ALA A 772 -16.01 16.56 2.19
CA ALA A 772 -16.53 16.64 0.84
C ALA A 772 -17.70 17.62 0.74
N ASP A 773 -18.57 17.61 1.76
CA ASP A 773 -19.68 18.56 1.76
C ASP A 773 -19.18 20.00 1.92
N ALA A 774 -18.15 20.19 2.75
CA ALA A 774 -17.55 21.51 2.88
C ALA A 774 -16.95 21.96 1.55
N GLY A 775 -16.33 21.04 0.82
CA GLY A 775 -15.81 21.38 -0.50
C GLY A 775 -16.92 21.74 -1.48
N ILE A 776 -18.05 21.02 -1.40
CA ILE A 776 -19.20 21.36 -2.24
C ILE A 776 -19.67 22.78 -1.94
N LEU A 777 -19.79 23.12 -0.66
CA LEU A 777 -20.22 24.46 -0.28
C LEU A 777 -19.23 25.53 -0.76
N ARG A 778 -17.94 25.26 -0.59
CA ARG A 778 -16.93 26.22 -1.02
C ARG A 778 -16.96 26.42 -2.54
N LEU A 779 -17.15 25.33 -3.29
CA LEU A 779 -17.22 25.44 -4.74
C LEU A 779 -18.46 26.21 -5.18
N TYR A 780 -19.58 25.98 -4.51
CA TYR A 780 -20.80 26.72 -4.86
C TYR A 780 -20.64 28.21 -4.57
N THR A 781 -20.06 28.54 -3.42
CA THR A 781 -19.79 29.95 -3.12
C THR A 781 -18.84 30.56 -4.14
N TRP A 782 -17.82 29.82 -4.56
CA TRP A 782 -16.88 30.31 -5.55
C TRP A 782 -17.56 30.57 -6.89
N VAL A 783 -18.43 29.65 -7.31
CA VAL A 783 -19.11 29.80 -8.60
C VAL A 783 -20.07 30.99 -8.55
N GLU A 784 -20.83 31.12 -7.46
CA GLU A 784 -21.74 32.27 -7.36
C GLU A 784 -20.97 33.58 -7.26
N TRP A 785 -19.80 33.56 -6.63
CA TRP A 785 -18.97 34.76 -6.56
C TRP A 785 -18.44 35.14 -7.93
N VAL A 786 -18.07 34.15 -8.75
CA VAL A 786 -17.61 34.43 -10.10
C VAL A 786 -18.76 34.97 -10.95
N LYS A 787 -19.97 34.44 -10.76
CA LYS A 787 -21.13 35.01 -11.44
C LYS A 787 -21.35 36.46 -11.01
N GLU A 788 -21.25 36.72 -9.72
CA GLU A 788 -21.38 38.09 -9.20
C GLU A 788 -20.35 39.02 -9.83
N MET A 789 -19.11 38.56 -9.97
CA MET A 789 -18.07 39.40 -10.57
C MET A 789 -18.32 39.62 -12.05
N VAL A 790 -18.76 38.59 -12.76
CA VAL A 790 -19.12 38.75 -14.17
C VAL A 790 -20.24 39.78 -14.32
N ALA A 791 -21.16 39.80 -13.36
CA ALA A 791 -22.25 40.77 -13.40
C ALA A 791 -21.72 42.19 -13.23
N ASN A 792 -20.93 42.43 -12.18
CA ASN A 792 -20.51 43.77 -11.79
C ASN A 792 -19.06 44.07 -12.16
N TRP A 793 -18.60 43.61 -13.33
CA TRP A 793 -17.30 44.06 -13.83
C TRP A 793 -17.29 45.58 -13.96
N ASP A 794 -18.40 46.17 -14.42
CA ASP A 794 -18.52 47.61 -14.57
C ASP A 794 -18.53 48.35 -13.24
N SER A 795 -18.52 47.64 -12.11
CA SER A 795 -18.58 48.26 -10.79
C SER A 795 -17.26 48.11 -10.03
N LEU A 796 -16.15 48.02 -10.75
CA LEU A 796 -14.84 47.85 -10.15
C LEU A 796 -13.91 48.98 -10.62
N ARG A 797 -12.78 49.10 -9.93
CA ARG A 797 -11.80 50.12 -10.27
C ARG A 797 -10.99 49.69 -11.50
N SER A 798 -10.76 50.63 -12.40
CA SER A 798 -9.93 50.43 -13.57
C SER A 798 -8.65 51.25 -13.46
N GLY A 799 -7.85 51.23 -14.52
CA GLY A 799 -6.61 51.98 -14.55
C GLY A 799 -5.43 51.14 -14.11
N PRO A 800 -4.52 51.72 -13.33
CA PRO A 800 -3.32 50.99 -12.91
C PRO A 800 -3.53 50.19 -11.64
N ALA A 801 -2.98 48.97 -11.64
CA ALA A 801 -2.96 48.12 -10.45
C ALA A 801 -1.77 48.52 -9.59
N SER A 802 -1.90 49.68 -8.95
CA SER A 802 -0.80 50.30 -8.23
C SER A 802 -1.01 50.40 -6.72
N THR A 803 -2.17 50.02 -6.22
CA THR A 803 -2.38 50.08 -4.78
C THR A 803 -1.50 49.07 -4.06
N PHE A 804 -1.18 49.37 -2.80
CA PHE A 804 -0.33 48.49 -2.01
C PHE A 804 -0.92 47.08 -1.92
N ASN A 805 -2.22 46.99 -1.67
CA ASN A 805 -2.86 45.68 -1.55
C ASN A 805 -2.91 44.96 -2.90
N ASP A 806 -2.95 45.71 -4.01
CA ASP A 806 -2.85 45.07 -5.32
C ASP A 806 -1.52 44.35 -5.46
N ARG A 807 -0.42 45.02 -5.12
CA ARG A 807 0.89 44.37 -5.17
C ARG A 807 0.94 43.18 -4.24
N VAL A 808 0.43 43.33 -3.01
CA VAL A 808 0.45 42.23 -2.04
C VAL A 808 -0.27 41.02 -2.61
N PHE A 809 -1.48 41.23 -3.14
CA PHE A 809 -2.29 40.13 -3.65
C PHE A 809 -1.66 39.50 -4.89
N ALA A 810 -1.05 40.31 -5.75
CA ALA A 810 -0.41 39.76 -6.94
C ALA A 810 0.79 38.89 -6.59
N SER A 811 1.64 39.37 -5.67
CA SER A 811 2.78 38.55 -5.27
C SER A 811 2.33 37.29 -4.56
N GLU A 812 1.27 37.38 -3.75
CA GLU A 812 0.73 36.18 -3.12
C GLU A 812 0.22 35.19 -4.16
N LEU A 813 -0.44 35.69 -5.20
CA LEU A 813 -0.94 34.82 -6.27
C LEU A 813 0.21 34.12 -6.98
N ASN A 814 1.28 34.85 -7.29
CA ASN A 814 2.41 34.23 -7.98
C ASN A 814 3.11 33.21 -7.09
N ALA A 815 3.30 33.52 -5.81
CA ALA A 815 3.87 32.55 -4.88
C ALA A 815 3.00 31.31 -4.77
N GLY A 816 1.68 31.49 -4.79
CA GLY A 816 0.79 30.34 -4.77
C GLY A 816 0.90 29.49 -6.02
N ILE A 817 1.02 30.13 -7.19
CA ILE A 817 1.26 29.41 -8.43
C ILE A 817 2.52 28.55 -8.29
N ILE A 818 3.60 29.14 -7.79
CA ILE A 818 4.87 28.42 -7.68
C ILE A 818 4.74 27.24 -6.71
N LYS A 819 4.15 27.49 -5.55
CA LYS A 819 3.95 26.42 -4.56
C LYS A 819 3.11 25.29 -5.16
N THR A 820 2.06 25.63 -5.91
CA THR A 820 1.18 24.62 -6.47
C THR A 820 1.90 23.79 -7.52
N ASP A 821 2.69 24.42 -8.38
CA ASP A 821 3.46 23.67 -9.37
C ASP A 821 4.46 22.73 -8.69
N GLN A 822 5.19 23.24 -7.70
CA GLN A 822 6.16 22.41 -7.01
C GLN A 822 5.50 21.24 -6.29
N ASN A 823 4.28 21.45 -5.77
CA ASN A 823 3.57 20.34 -5.13
C ASN A 823 3.01 19.37 -6.15
N TYR A 824 2.72 19.84 -7.36
CA TYR A 824 2.19 18.96 -8.40
C TYR A 824 3.27 18.07 -8.99
N GLU A 825 4.50 18.58 -9.11
CA GLU A 825 5.59 17.74 -9.60
C GLU A 825 5.88 16.60 -8.63
N LYS A 826 5.82 16.88 -7.33
CA LYS A 826 6.06 15.85 -6.31
C LYS A 826 4.84 15.00 -6.02
N MET A 827 3.70 15.27 -6.66
CA MET A 827 2.48 14.47 -6.56
C MET A 827 1.86 14.49 -5.17
N MET A 828 2.22 15.46 -4.33
CA MET A 828 1.57 15.64 -3.04
C MET A 828 0.28 16.40 -3.28
N PHE A 829 -0.76 15.65 -3.67
CA PHE A 829 -2.00 16.27 -4.11
C PHE A 829 -2.74 16.96 -2.98
N LYS A 830 -2.62 16.44 -1.76
CA LYS A 830 -3.18 17.13 -0.59
C LYS A 830 -2.51 18.48 -0.40
N GLU A 831 -1.18 18.51 -0.47
CA GLU A 831 -0.46 19.77 -0.30
C GLU A 831 -0.68 20.70 -1.48
N ALA A 832 -0.79 20.15 -2.69
CA ALA A 832 -1.10 20.96 -3.85
C ALA A 832 -2.47 21.61 -3.72
N LEU A 833 -3.44 20.86 -3.21
CA LEU A 833 -4.77 21.42 -2.94
C LEU A 833 -4.70 22.49 -1.87
N LYS A 834 -3.90 22.26 -0.82
CA LYS A 834 -3.74 23.25 0.23
C LYS A 834 -3.20 24.56 -0.31
N THR A 835 -2.15 24.48 -1.14
CA THR A 835 -1.51 25.70 -1.64
C THR A 835 -2.34 26.37 -2.74
N GLY A 836 -3.03 25.59 -3.56
CA GLY A 836 -3.66 26.13 -4.75
C GLY A 836 -5.13 26.45 -4.65
N PHE A 837 -5.82 25.91 -3.65
CA PHE A 837 -7.24 26.19 -3.49
C PHE A 837 -7.56 26.86 -2.16
N PHE A 838 -7.13 26.29 -1.04
CA PHE A 838 -7.48 26.84 0.27
C PHE A 838 -6.77 28.16 0.51
N GLU A 839 -5.43 28.14 0.49
CA GLU A 839 -4.67 29.37 0.68
C GLU A 839 -4.95 30.37 -0.43
N PHE A 840 -5.29 29.89 -1.62
CA PHE A 840 -5.66 30.78 -2.72
C PHE A 840 -6.92 31.57 -2.39
N GLN A 841 -7.99 30.86 -1.98
CA GLN A 841 -9.22 31.53 -1.58
C GLN A 841 -9.00 32.41 -0.36
N ALA A 842 -8.10 32.02 0.54
CA ALA A 842 -7.81 32.85 1.72
C ALA A 842 -7.18 34.17 1.31
N ALA A 843 -6.19 34.12 0.42
CA ALA A 843 -5.58 35.35 -0.09
C ALA A 843 -6.62 36.20 -0.84
N LYS A 844 -7.50 35.55 -1.61
CA LYS A 844 -8.55 36.28 -2.30
C LYS A 844 -9.44 37.04 -1.32
N ASP A 845 -9.92 36.35 -0.28
CA ASP A 845 -10.81 36.99 0.68
C ASP A 845 -10.08 38.08 1.47
N LYS A 846 -8.79 37.90 1.74
CA LYS A 846 -8.03 38.96 2.40
C LYS A 846 -7.96 40.20 1.53
N TYR A 847 -7.63 40.01 0.24
CA TYR A 847 -7.54 41.16 -0.66
C TYR A 847 -8.89 41.84 -0.84
N ARG A 848 -9.97 41.05 -0.85
CA ARG A 848 -11.31 41.65 -0.90
C ARG A 848 -11.59 42.45 0.38
N GLU A 849 -11.11 41.95 1.53
CA GLU A 849 -11.36 42.63 2.79
C GLU A 849 -10.60 43.95 2.87
N LEU A 850 -9.37 43.99 2.34
CA LEU A 850 -8.52 45.16 2.54
C LEU A 850 -8.62 46.20 1.43
N ALA A 851 -9.13 45.83 0.25
CA ALA A 851 -9.19 46.75 -0.88
C ALA A 851 -10.34 47.74 -0.64
N VAL A 852 -10.03 48.83 0.08
CA VAL A 852 -11.05 49.84 0.36
C VAL A 852 -11.44 50.58 -0.92
N GLU A 853 -10.49 50.78 -1.84
CA GLU A 853 -10.74 51.49 -3.09
C GLU A 853 -11.23 50.58 -4.19
N GLY A 854 -11.86 49.46 -3.84
CA GLY A 854 -12.36 48.53 -4.83
C GLY A 854 -11.28 47.62 -5.40
N MET A 855 -11.61 46.36 -5.61
CA MET A 855 -10.65 45.42 -6.16
C MET A 855 -10.42 45.69 -7.63
N HIS A 856 -9.15 45.75 -8.03
CA HIS A 856 -8.81 46.02 -9.42
C HIS A 856 -9.27 44.86 -10.31
N ARG A 857 -10.05 45.18 -11.34
CA ARG A 857 -10.68 44.15 -12.16
C ARG A 857 -9.64 43.22 -12.79
N GLU A 858 -8.53 43.77 -13.27
CA GLU A 858 -7.51 42.95 -13.90
C GLU A 858 -6.97 41.89 -12.94
N LEU A 859 -6.65 42.30 -11.72
CA LEU A 859 -6.17 41.35 -10.73
C LEU A 859 -7.23 40.31 -10.40
N VAL A 860 -8.48 40.75 -10.24
CA VAL A 860 -9.58 39.84 -9.93
C VAL A 860 -9.66 38.73 -10.97
N PHE A 861 -9.65 39.10 -12.25
CA PHE A 861 -9.88 38.07 -13.26
C PHE A 861 -8.63 37.29 -13.63
N ARG A 862 -7.43 37.87 -13.46
CA ARG A 862 -6.24 37.03 -13.51
C ARG A 862 -6.29 35.97 -12.41
N PHE A 863 -6.74 36.37 -11.21
CA PHE A 863 -6.89 35.39 -10.13
C PHE A 863 -7.90 34.32 -10.49
N ILE A 864 -9.04 34.72 -11.06
CA ILE A 864 -10.08 33.75 -11.40
C ILE A 864 -9.56 32.76 -12.45
N GLU A 865 -8.88 33.27 -13.47
CA GLU A 865 -8.30 32.41 -14.50
C GLU A 865 -7.30 31.44 -13.89
N VAL A 866 -6.39 31.95 -13.06
CA VAL A 866 -5.36 31.09 -12.47
C VAL A 866 -5.97 30.06 -11.55
N GLN A 867 -7.01 30.42 -10.81
CA GLN A 867 -7.65 29.47 -9.91
C GLN A 867 -8.36 28.37 -10.70
N THR A 868 -9.08 28.74 -11.76
CA THR A 868 -9.70 27.75 -12.61
C THR A 868 -8.66 26.82 -13.23
N LEU A 869 -7.47 27.34 -13.55
CA LEU A 869 -6.41 26.50 -14.07
C LEU A 869 -5.88 25.54 -13.01
N LEU A 870 -5.57 26.07 -11.83
CA LEU A 870 -4.96 25.24 -10.79
C LEU A 870 -5.90 24.17 -10.27
N LEU A 871 -7.21 24.43 -10.27
CA LEU A 871 -8.17 23.46 -9.81
C LEU A 871 -8.56 22.44 -10.89
N ALA A 872 -8.16 22.68 -12.14
CA ALA A 872 -8.60 21.85 -13.26
C ALA A 872 -8.33 20.36 -13.07
N PRO A 873 -7.13 19.90 -12.70
CA PRO A 873 -6.91 18.45 -12.59
C PRO A 873 -7.76 17.78 -11.53
N PHE A 874 -8.23 18.52 -10.51
CA PHE A 874 -9.06 17.92 -9.48
C PHE A 874 -10.52 17.85 -9.91
N CYS A 875 -11.12 19.00 -10.19
CA CYS A 875 -12.54 19.10 -10.54
C CYS A 875 -12.66 19.70 -11.95
N PRO A 876 -12.36 18.92 -12.98
CA PRO A 876 -12.30 19.49 -14.34
C PRO A 876 -13.65 19.86 -14.92
N HIS A 877 -14.74 19.29 -14.40
CA HIS A 877 -16.06 19.64 -14.93
C HIS A 877 -16.41 21.09 -14.61
N LEU A 878 -16.30 21.48 -13.33
CA LEU A 878 -16.59 22.86 -12.95
C LEU A 878 -15.61 23.83 -13.59
N CYS A 879 -14.34 23.41 -13.73
CA CYS A 879 -13.36 24.30 -14.33
C CYS A 879 -13.64 24.50 -15.82
N GLU A 880 -14.04 23.45 -16.52
CA GLU A 880 -14.45 23.61 -17.91
C GLU A 880 -15.70 24.47 -18.03
N HIS A 881 -16.63 24.31 -17.09
CA HIS A 881 -17.84 25.14 -17.09
C HIS A 881 -17.48 26.61 -16.91
N ILE A 882 -16.57 26.92 -15.99
CA ILE A 882 -16.16 28.31 -15.79
C ILE A 882 -15.38 28.82 -16.99
N TRP A 883 -14.54 27.97 -17.58
CA TRP A 883 -13.78 28.35 -18.78
C TRP A 883 -14.71 28.70 -19.92
N THR A 884 -15.84 27.99 -20.03
CA THR A 884 -16.84 28.35 -21.03
C THR A 884 -17.60 29.60 -20.63
N LEU A 885 -17.84 29.79 -19.33
CA LEU A 885 -18.54 30.99 -18.87
C LEU A 885 -17.73 32.24 -19.12
N LEU A 886 -16.40 32.14 -19.09
CA LEU A 886 -15.53 33.27 -19.40
C LEU A 886 -15.59 33.67 -20.87
N GLY A 887 -16.36 32.95 -21.70
CA GLY A 887 -16.33 33.20 -23.12
C GLY A 887 -15.08 32.71 -23.81
N LYS A 888 -14.26 31.92 -23.13
CA LYS A 888 -13.02 31.43 -23.72
C LYS A 888 -13.35 30.49 -24.89
N PRO A 889 -12.61 30.60 -25.99
CA PRO A 889 -13.00 29.87 -27.21
C PRO A 889 -12.93 28.35 -27.09
N ASP A 890 -11.76 27.83 -26.72
CA ASP A 890 -11.54 26.39 -26.75
C ASP A 890 -11.82 25.75 -25.39
N SER A 891 -11.72 24.43 -25.33
CA SER A 891 -11.90 23.71 -24.09
C SER A 891 -10.70 23.94 -23.16
N ILE A 892 -10.92 23.66 -21.87
CA ILE A 892 -9.88 23.90 -20.88
C ILE A 892 -8.76 22.88 -20.98
N MET A 893 -8.99 21.73 -21.62
CA MET A 893 -7.97 20.72 -21.75
C MET A 893 -6.85 21.11 -22.72
N ASN A 894 -6.99 22.21 -23.43
CA ASN A 894 -5.94 22.74 -24.28
C ASN A 894 -5.13 23.85 -23.63
N ALA A 895 -5.58 24.37 -22.50
CA ALA A 895 -4.87 25.45 -21.82
C ALA A 895 -3.51 24.97 -21.31
N SER A 896 -2.68 25.92 -20.91
CA SER A 896 -1.33 25.65 -20.44
C SER A 896 -1.18 26.10 -18.99
N TRP A 897 0.04 26.00 -18.48
CA TRP A 897 0.31 26.36 -17.09
C TRP A 897 0.36 27.88 -16.95
N PRO A 898 -0.28 28.46 -15.93
CA PRO A 898 -0.26 29.92 -15.78
C PRO A 898 1.12 30.42 -15.36
N VAL A 899 1.64 31.40 -16.09
CA VAL A 899 2.94 31.98 -15.79
C VAL A 899 2.81 32.89 -14.58
N ALA A 900 3.73 32.75 -13.64
CA ALA A 900 3.76 33.56 -12.43
C ALA A 900 4.73 34.72 -12.61
N GLY A 901 4.28 35.93 -12.26
CA GLY A 901 5.11 37.09 -12.31
C GLY A 901 6.12 37.13 -11.17
N PRO A 902 6.68 38.31 -10.91
CA PRO A 902 7.67 38.42 -9.83
C PRO A 902 7.02 38.25 -8.46
N VAL A 903 7.81 37.69 -7.53
CA VAL A 903 7.37 37.48 -6.16
C VAL A 903 8.32 38.26 -5.25
N ASN A 904 7.77 39.13 -4.42
CA ASN A 904 8.53 39.92 -3.47
C ASN A 904 8.20 39.42 -2.07
N GLU A 905 9.19 38.82 -1.40
CA GLU A 905 8.97 38.25 -0.08
C GLU A 905 8.65 39.33 0.95
N VAL A 906 9.19 40.54 0.77
CA VAL A 906 9.09 41.55 1.81
C VAL A 906 7.65 42.04 1.96
N LEU A 907 6.91 42.17 0.86
CA LEU A 907 5.53 42.62 0.98
C LEU A 907 4.64 41.54 1.59
N ILE A 908 4.91 40.27 1.30
CA ILE A 908 4.19 39.19 1.96
C ILE A 908 4.49 39.19 3.45
N HIS A 909 5.75 39.49 3.81
CA HIS A 909 6.12 39.58 5.22
C HIS A 909 5.35 40.72 5.91
N SER A 910 5.25 41.87 5.25
CA SER A 910 4.50 42.99 5.82
C SER A 910 3.01 42.66 5.93
N SER A 911 2.48 41.91 4.97
CA SER A 911 1.09 41.48 5.04
C SER A 911 0.84 40.57 6.25
N GLN A 912 1.73 39.60 6.45
CA GLN A 912 1.61 38.73 7.63
C GLN A 912 1.76 39.55 8.92
N TYR A 913 2.63 40.56 8.90
CA TYR A 913 2.77 41.47 10.04
C TYR A 913 1.44 42.15 10.34
N LEU A 914 0.79 42.70 9.32
CA LEU A 914 -0.50 43.36 9.53
C LEU A 914 -1.54 42.36 10.05
N MET A 915 -1.49 41.11 9.57
CA MET A 915 -2.42 40.10 10.06
C MET A 915 -2.23 39.85 11.55
N GLU A 916 -0.97 39.68 11.98
CA GLU A 916 -0.69 39.50 13.40
C GLU A 916 -1.16 40.70 14.22
N VAL A 917 -0.94 41.91 13.69
CA VAL A 917 -1.37 43.11 14.39
C VAL A 917 -2.88 43.12 14.58
N THR A 918 -3.63 42.78 13.52
CA THR A 918 -5.08 42.74 13.62
C THR A 918 -5.54 41.69 14.62
N HIS A 919 -4.90 40.52 14.62
CA HIS A 919 -5.26 39.48 15.58
C HIS A 919 -5.06 39.96 17.01
N ASP A 920 -3.91 40.56 17.31
CA ASP A 920 -3.66 41.04 18.66
C ASP A 920 -4.58 42.20 19.03
N LEU A 921 -4.94 43.04 18.06
CA LEU A 921 -5.86 44.14 18.34
C LEU A 921 -7.24 43.61 18.73
N ARG A 922 -7.76 42.64 17.97
CA ARG A 922 -9.05 42.05 18.33
C ARG A 922 -8.96 41.26 19.63
N LEU A 923 -7.78 40.75 19.97
CA LEU A 923 -7.59 40.14 21.28
C LEU A 923 -7.75 41.17 22.39
N ARG A 924 -6.99 42.27 22.32
CA ARG A 924 -6.98 43.24 23.40
C ARG A 924 -8.26 44.07 23.50
N LEU A 925 -9.01 44.21 22.40
CA LEU A 925 -10.27 44.94 22.47
C LEU A 925 -11.32 44.24 23.33
N LYS A 926 -11.04 43.04 23.84
CA LYS A 926 -12.03 42.27 24.57
C LYS A 926 -12.43 42.96 25.87
N ASN A 927 -11.47 43.55 26.58
CA ASN A 927 -11.71 44.07 27.92
C ASN A 927 -11.97 45.57 27.94
N TYR A 928 -11.02 46.37 27.46
CA TYR A 928 -11.18 47.81 27.48
C TYR A 928 -10.39 48.49 26.35
N PRO A 945 -14.08 51.72 23.94
CA PRO A 945 -13.20 52.89 23.74
C PRO A 945 -13.45 53.57 22.40
N SER A 946 -12.80 54.71 22.19
CA SER A 946 -12.89 55.45 20.94
C SER A 946 -11.54 55.66 20.28
N HIS A 947 -10.49 55.92 21.05
CA HIS A 947 -9.17 56.20 20.53
C HIS A 947 -8.22 55.05 20.86
N CYS A 948 -7.32 54.75 19.94
CA CYS A 948 -6.23 53.81 20.17
C CYS A 948 -4.90 54.52 19.91
N THR A 949 -3.86 54.07 20.59
CA THR A 949 -2.53 54.65 20.41
C THR A 949 -1.51 53.53 20.35
N ILE A 950 -0.79 53.45 19.24
CA ILE A 950 0.18 52.39 18.97
C ILE A 950 1.58 52.98 19.02
N TYR A 951 2.53 52.16 19.48
CA TYR A 951 3.93 52.54 19.59
C TYR A 951 4.79 51.48 18.93
N VAL A 952 5.74 51.94 18.11
CA VAL A 952 6.65 51.09 17.35
C VAL A 952 8.08 51.57 17.64
N ALA A 953 8.96 50.63 18.01
CA ALA A 953 10.33 50.97 18.37
C ALA A 953 11.23 50.88 17.14
N LYS A 954 12.04 51.92 16.92
CA LYS A 954 12.99 51.91 15.81
C LYS A 954 14.02 50.81 16.03
N ASN A 955 14.80 50.96 17.09
CA ASN A 955 15.85 50.03 17.45
C ASN A 955 15.40 49.17 18.63
N TYR A 956 16.08 48.05 18.81
CA TYR A 956 15.80 47.20 19.95
C TYR A 956 16.25 47.89 21.24
N PRO A 957 15.52 47.74 22.33
CA PRO A 957 15.99 48.26 23.62
C PRO A 957 17.37 47.72 23.95
N PRO A 958 18.16 48.46 24.74
CA PRO A 958 19.58 48.09 24.90
C PRO A 958 19.80 46.66 25.38
N TRP A 959 18.99 46.19 26.33
CA TRP A 959 19.17 44.82 26.81
C TRP A 959 18.72 43.81 25.74
N GLN A 960 17.61 44.08 25.05
CA GLN A 960 17.20 43.20 23.96
C GLN A 960 18.20 43.24 22.81
N HIS A 961 18.76 44.42 22.54
CA HIS A 961 19.76 44.52 21.49
C HIS A 961 21.01 43.73 21.86
N THR A 962 21.41 43.77 23.12
CA THR A 962 22.58 43.01 23.55
C THR A 962 22.32 41.50 23.47
N THR A 963 21.13 41.06 23.92
CA THR A 963 20.80 39.65 23.83
C THR A 963 20.75 39.19 22.37
N LEU A 964 20.20 40.01 21.49
CA LEU A 964 20.15 39.63 20.08
C LEU A 964 21.52 39.66 19.44
N SER A 965 22.42 40.54 19.89
CA SER A 965 23.79 40.50 19.39
C SER A 965 24.49 39.22 19.84
N VAL A 966 24.26 38.81 21.09
CA VAL A 966 24.83 37.55 21.55
C VAL A 966 24.29 36.37 20.74
N LEU A 967 22.98 36.40 20.44
CA LEU A 967 22.39 35.33 19.64
C LEU A 967 22.91 35.36 18.21
N ARG A 968 23.17 36.56 17.67
CA ARG A 968 23.75 36.66 16.33
C ARG A 968 25.16 36.08 16.30
N LYS A 969 25.94 36.34 17.36
CA LYS A 969 27.28 35.76 17.44
C LYS A 969 27.20 34.24 17.56
N HIS A 970 26.29 33.73 18.39
CA HIS A 970 26.14 32.30 18.55
C HIS A 970 25.59 31.62 17.31
N PHE A 971 24.88 32.36 16.45
CA PHE A 971 24.40 31.81 15.18
C PHE A 971 25.50 31.84 14.13
N GLU A 972 26.26 32.94 14.06
CA GLU A 972 27.28 33.10 13.04
C GLU A 972 28.47 32.18 13.26
N ALA A 973 28.70 31.74 14.49
CA ALA A 973 29.92 30.99 14.80
C ALA A 973 29.82 29.52 14.42
N ASN A 974 28.62 28.93 14.42
CA ASN A 974 28.47 27.48 14.32
C ASN A 974 27.40 27.11 13.29
N ASN A 975 27.46 27.73 12.11
CA ASN A 975 26.61 27.38 10.98
C ASN A 975 25.11 27.46 11.30
N GLY A 976 24.73 28.23 12.32
CA GLY A 976 23.33 28.40 12.63
C GLY A 976 22.78 27.40 13.63
N LYS A 977 23.46 27.25 14.76
CA LYS A 977 23.00 26.38 15.85
C LYS A 977 23.14 27.17 17.16
N LEU A 978 22.02 27.70 17.64
CA LEU A 978 22.04 28.40 18.91
C LEU A 978 22.18 27.40 20.06
N PRO A 979 23.03 27.70 21.05
CA PRO A 979 23.23 26.75 22.15
C PRO A 979 21.97 26.55 22.97
N ASP A 980 22.06 25.62 23.91
CA ASP A 980 20.94 25.28 24.77
C ASP A 980 20.58 26.47 25.67
N ASN A 981 19.35 26.43 26.22
CA ASN A 981 18.91 27.47 27.14
C ASN A 981 19.84 27.59 28.33
N LYS A 982 20.50 26.49 28.72
CA LYS A 982 21.41 26.49 29.85
C LYS A 982 22.58 27.45 29.62
N VAL A 983 23.31 27.25 28.52
CA VAL A 983 24.49 28.06 28.24
C VAL A 983 24.09 29.51 28.02
N ILE A 984 22.94 29.73 27.38
CA ILE A 984 22.48 31.09 27.11
C ILE A 984 22.19 31.81 28.43
N ALA A 985 21.43 31.17 29.31
CA ALA A 985 21.14 31.76 30.62
C ALA A 985 22.40 31.99 31.41
N SER A 986 23.36 31.07 31.32
CA SER A 986 24.61 31.20 32.07
C SER A 986 25.41 32.41 31.59
N GLU A 987 25.59 32.54 30.27
CA GLU A 987 26.40 33.64 29.76
C GLU A 987 25.69 34.98 29.87
N LEU A 988 24.35 34.98 29.85
CA LEU A 988 23.64 36.25 30.00
C LEU A 988 23.55 36.67 31.47
N GLY A 989 23.58 35.71 32.39
CA GLY A 989 23.82 36.05 33.78
C GLY A 989 25.23 36.52 34.05
N SER A 990 26.14 36.32 33.10
CA SER A 990 27.52 36.78 33.20
C SER A 990 27.72 38.16 32.59
N MET A 991 26.64 38.83 32.17
CA MET A 991 26.71 40.18 31.67
C MET A 991 26.08 41.14 32.67
N PRO A 992 26.81 42.13 33.18
CA PRO A 992 26.23 43.00 34.20
C PRO A 992 25.08 43.86 33.69
N GLU A 993 25.12 44.30 32.43
CA GLU A 993 24.09 45.16 31.89
C GLU A 993 22.72 44.49 31.86
N LEU A 994 22.62 43.20 32.14
CA LEU A 994 21.35 42.49 32.16
C LEU A 994 20.94 42.08 33.57
N LYS A 995 21.64 42.57 34.59
CA LYS A 995 21.33 42.19 35.96
C LYS A 995 19.88 42.51 36.32
N LYS A 996 19.43 43.71 35.96
CA LYS A 996 18.04 44.10 36.23
C LYS A 996 17.04 43.33 35.38
N TYR A 997 17.47 42.75 34.27
CA TYR A 997 16.54 42.20 33.28
C TYR A 997 16.68 40.70 33.09
N MET A 998 17.45 40.01 33.93
CA MET A 998 17.61 38.57 33.80
C MET A 998 16.27 37.83 33.89
N LYS A 999 15.23 38.49 34.38
CA LYS A 999 13.91 37.86 34.43
C LYS A 999 13.21 37.90 33.07
N LYS A 1000 13.39 38.99 32.31
CA LYS A 1000 12.77 39.11 31.01
C LYS A 1000 13.64 38.59 29.87
N VAL A 1001 14.95 38.41 30.11
CA VAL A 1001 15.86 38.03 29.03
C VAL A 1001 15.51 36.65 28.50
N MET A 1002 15.41 35.66 29.38
CA MET A 1002 15.15 34.31 28.91
C MET A 1002 13.80 34.14 28.22
N PRO A 1003 12.69 34.74 28.70
CA PRO A 1003 11.45 34.70 27.89
C PRO A 1003 11.64 35.26 26.49
N PHE A 1004 12.17 36.49 26.39
CA PHE A 1004 12.48 37.12 25.11
C PHE A 1004 13.16 36.15 24.15
N VAL A 1005 14.35 35.68 24.54
CA VAL A 1005 15.10 34.75 23.71
C VAL A 1005 14.23 33.57 23.31
N ALA A 1006 13.48 33.02 24.28
CA ALA A 1006 12.58 31.91 24.00
C ALA A 1006 11.69 32.22 22.81
N MET A 1007 10.94 33.32 22.89
CA MET A 1007 10.08 33.72 21.78
C MET A 1007 10.87 33.78 20.49
N ILE A 1008 12.04 34.43 20.54
CA ILE A 1008 12.91 34.52 19.36
C ILE A 1008 13.07 33.15 18.73
N LYS A 1009 13.52 32.17 19.52
CA LYS A 1009 13.78 30.84 18.99
C LYS A 1009 12.58 30.31 18.21
N GLU A 1010 11.37 30.50 18.75
CA GLU A 1010 10.17 30.05 18.07
C GLU A 1010 10.12 30.57 16.65
N ASN A 1011 10.18 31.91 16.50
CA ASN A 1011 10.09 32.50 15.18
C ASN A 1011 11.26 32.07 14.31
N LEU A 1012 12.42 31.77 14.92
CA LEU A 1012 13.55 31.30 14.14
C LEU A 1012 13.22 30.01 13.40
N GLU A 1013 12.46 29.12 14.04
CA GLU A 1013 11.99 27.92 13.37
C GLU A 1013 10.68 28.15 12.62
N LYS A 1014 10.02 29.29 12.84
CA LYS A 1014 8.73 29.54 12.20
C LYS A 1014 8.90 30.19 10.82
N MET A 1015 9.66 31.28 10.75
CA MET A 1015 9.82 32.04 9.52
C MET A 1015 11.29 32.39 9.29
N GLY A 1016 12.18 31.43 9.48
CA GLY A 1016 13.56 31.58 9.10
C GLY A 1016 14.36 32.53 9.98
N PRO A 1017 15.63 32.74 9.62
CA PRO A 1017 16.53 33.55 10.45
C PRO A 1017 16.36 35.05 10.30
N ARG A 1018 15.40 35.53 9.52
CA ARG A 1018 15.25 36.96 9.29
C ARG A 1018 15.00 37.73 10.58
N ILE A 1019 14.50 37.07 11.64
CA ILE A 1019 14.26 37.75 12.91
C ILE A 1019 15.53 38.00 13.70
N LEU A 1020 16.68 37.51 13.24
CA LEU A 1020 17.94 37.78 13.90
C LEU A 1020 18.60 39.07 13.43
N ASP A 1021 18.07 39.70 12.38
CA ASP A 1021 18.62 40.97 11.93
C ASP A 1021 18.37 42.06 12.97
N LEU A 1022 19.38 42.91 13.18
CA LEU A 1022 19.26 44.02 14.13
C LEU A 1022 18.27 45.08 13.66
N GLN A 1023 17.75 44.96 12.44
CA GLN A 1023 16.82 45.95 11.90
C GLN A 1023 15.97 45.28 10.83
N LEU A 1024 14.72 45.73 10.73
CA LEU A 1024 13.74 45.07 9.86
C LEU A 1024 13.99 45.40 8.39
N GLU A 1025 13.43 44.58 7.52
CA GLU A 1025 13.59 44.72 6.08
C GLU A 1025 12.68 45.77 5.47
N PHE A 1026 11.77 46.35 6.25
CA PHE A 1026 10.79 47.30 5.72
C PHE A 1026 10.51 48.36 6.77
N ASP A 1027 9.84 49.42 6.33
CA ASP A 1027 9.42 50.50 7.23
C ASP A 1027 8.17 50.03 7.97
N GLU A 1028 8.28 49.86 9.28
CA GLU A 1028 7.15 49.40 10.07
C GLU A 1028 6.04 50.46 10.12
N LYS A 1029 6.43 51.72 10.34
CA LYS A 1029 5.44 52.78 10.51
C LYS A 1029 4.66 53.02 9.22
N ALA A 1030 5.35 53.07 8.08
CA ALA A 1030 4.65 53.31 6.81
C ALA A 1030 3.78 52.13 6.43
N VAL A 1031 4.25 50.91 6.66
CA VAL A 1031 3.43 49.72 6.43
C VAL A 1031 2.16 49.79 7.27
N LEU A 1032 2.30 50.15 8.55
CA LEU A 1032 1.12 50.33 9.39
C LEU A 1032 0.19 51.40 8.85
N MET A 1033 0.75 52.53 8.41
CA MET A 1033 -0.07 53.66 7.97
C MET A 1033 -0.73 53.43 6.63
N GLU A 1034 -0.28 52.46 5.84
CA GLU A 1034 -0.94 52.18 4.58
C GLU A 1034 -2.24 51.40 4.75
N ASN A 1035 -2.55 50.91 5.96
CA ASN A 1035 -3.81 50.21 6.18
C ASN A 1035 -4.48 50.61 7.49
N ILE A 1036 -4.15 51.76 8.06
CA ILE A 1036 -4.81 52.22 9.28
C ILE A 1036 -6.30 52.42 9.04
N VAL A 1037 -6.69 52.73 7.80
CA VAL A 1037 -8.10 52.93 7.50
C VAL A 1037 -8.88 51.63 7.73
N TYR A 1038 -8.39 50.53 7.16
CA TYR A 1038 -9.05 49.25 7.37
C TYR A 1038 -9.05 48.84 8.83
N LEU A 1039 -7.95 49.14 9.54
CA LEU A 1039 -7.88 48.77 10.95
C LEU A 1039 -8.90 49.53 11.78
N THR A 1040 -9.06 50.83 11.52
CA THR A 1040 -10.08 51.60 12.22
C THR A 1040 -11.48 51.15 11.85
N ASN A 1041 -11.70 50.82 10.57
CA ASN A 1041 -13.03 50.40 10.14
C ASN A 1041 -13.42 49.06 10.73
N SER A 1042 -12.47 48.13 10.83
CA SER A 1042 -12.77 46.80 11.36
C SER A 1042 -12.83 46.79 12.88
N LEU A 1043 -11.94 47.54 13.54
CA LEU A 1043 -11.94 47.63 14.99
C LEU A 1043 -13.02 48.57 15.53
N GLU A 1044 -13.83 49.16 14.64
CA GLU A 1044 -15.01 49.93 15.04
C GLU A 1044 -14.66 51.10 15.96
N LEU A 1045 -13.48 51.67 15.78
CA LEU A 1045 -12.99 52.77 16.59
C LEU A 1045 -13.25 54.10 15.88
N GLU A 1046 -12.67 55.17 16.42
CA GLU A 1046 -12.79 56.50 15.85
C GLU A 1046 -11.45 57.07 15.37
N HIS A 1047 -10.34 56.72 16.02
CA HIS A 1047 -9.04 57.24 15.61
C HIS A 1047 -7.94 56.37 16.23
N ILE A 1048 -6.84 56.24 15.48
CA ILE A 1048 -5.67 55.51 15.93
C ILE A 1048 -4.44 56.38 15.70
N GLU A 1049 -3.81 56.81 16.78
CA GLU A 1049 -2.57 57.57 16.73
C GLU A 1049 -1.38 56.63 16.80
N VAL A 1050 -0.49 56.71 15.82
CA VAL A 1050 0.72 55.90 15.79
C VAL A 1050 1.90 56.81 16.10
N LYS A 1051 2.55 56.56 17.24
CA LYS A 1051 3.69 57.34 17.70
C LYS A 1051 4.90 56.43 17.79
N PHE A 1052 6.09 57.04 17.73
CA PHE A 1052 7.31 56.29 17.45
C PHE A 1052 7.96 55.71 18.70
N ALA A 1053 7.18 55.51 19.76
CA ALA A 1053 7.57 54.78 20.97
C ALA A 1053 8.69 55.46 21.76
N SER A 1054 9.22 56.59 21.29
CA SER A 1054 10.15 57.36 22.09
C SER A 1054 9.45 58.48 22.85
N GLU A 1055 8.39 59.03 22.28
CA GLU A 1055 7.50 59.94 22.99
C GLU A 1055 6.71 59.22 24.08
N ALA A 1056 6.58 57.90 23.98
CA ALA A 1056 5.79 57.12 24.92
C ALA A 1056 6.41 57.16 26.32
N GLU A 1057 5.70 56.56 27.26
CA GLU A 1057 6.11 56.56 28.66
C GLU A 1057 7.21 55.52 28.89
N ASP A 1058 7.56 55.28 30.15
CA ASP A 1058 8.73 54.47 30.46
C ASP A 1058 8.53 53.01 30.09
N LYS A 1059 7.41 52.41 30.53
CA LYS A 1059 7.19 50.98 30.32
C LYS A 1059 7.20 50.63 28.84
N ILE A 1060 6.47 51.40 28.03
CA ILE A 1060 6.37 51.09 26.61
C ILE A 1060 7.72 51.29 25.93
N ARG A 1061 8.34 52.45 26.16
CA ARG A 1061 9.62 52.73 25.52
C ARG A 1061 10.68 51.72 25.92
N GLU A 1062 10.54 51.09 27.09
CA GLU A 1062 11.53 50.13 27.55
C GLU A 1062 11.27 48.72 27.05
N ASP A 1063 10.00 48.33 26.94
CA ASP A 1063 9.67 46.96 26.55
C ASP A 1063 9.33 46.80 25.07
N CYS A 1064 8.89 47.86 24.40
CA CYS A 1064 8.51 47.74 22.99
C CYS A 1064 9.74 47.50 22.13
N CYS A 1065 9.63 46.54 21.21
CA CYS A 1065 10.69 46.18 20.30
C CYS A 1065 10.18 46.22 18.87
N PRO A 1066 11.08 46.45 17.90
CA PRO A 1066 10.65 46.40 16.50
C PRO A 1066 10.09 45.03 16.13
N GLY A 1067 9.06 45.03 15.30
CA GLY A 1067 8.34 43.83 14.96
C GLY A 1067 7.22 43.47 15.91
N LYS A 1068 7.22 44.04 17.12
CA LYS A 1068 6.17 43.79 18.12
C LYS A 1068 5.74 45.13 18.70
N PRO A 1069 4.91 45.87 17.98
CA PRO A 1069 4.41 47.14 18.51
C PRO A 1069 3.39 46.92 19.62
N LEU A 1070 3.19 47.96 20.42
CA LEU A 1070 2.25 47.91 21.54
C LEU A 1070 1.18 48.98 21.36
N ASN A 1071 0.16 48.95 22.22
CA ASN A 1071 -0.94 49.90 22.05
C ASN A 1071 -1.74 50.00 23.34
N VAL A 1072 -2.43 51.13 23.48
CA VAL A 1072 -3.27 51.45 24.62
C VAL A 1072 -4.48 52.23 24.13
N PHE A 1073 -5.66 51.91 24.68
CA PHE A 1073 -6.88 52.60 24.30
C PHE A 1073 -7.25 53.70 25.30
N LEU B . 12.14 -27.34 19.49
CA LEU B . 10.70 -27.30 19.72
C LEU B . 10.30 -28.29 20.82
O LEU B . 11.05 -29.19 21.17
CB LEU B . 9.95 -27.62 18.43
CG LEU B . 9.75 -26.49 17.41
CD1 LEU B . 11.07 -26.03 16.81
CD2 LEU B . 8.79 -26.93 16.31
OXT LEU B . 9.21 -28.19 21.39
C1 LSS C . -5.85 -6.02 -8.95
N1 LSS C . -8.24 1.03 -0.93
O1 LSS C . -5.13 -5.73 -8.04
S1 LSS C . -8.07 -5.08 -7.46
C2 LSS C . -7.34 1.61 -1.73
N2 LSS C . -7.31 -5.78 -8.86
O2 LSS C . -4.02 -1.30 -4.98
N3 LSS C . -6.97 1.05 -2.89
O3 LSS C . -3.86 -1.49 -7.26
C4 LSS C . -7.52 -0.14 -3.28
N4 LSS C . -6.30 -6.60 -11.26
O4 LSS C . -7.17 -0.75 -6.59
C5 LSS C . -8.44 -0.77 -2.49
O5 LSS C . -6.97 -3.85 -7.24
C6 LSS C . -8.80 -0.13 -1.26
N6 LSS C . -9.78 -0.76 -0.36
C7 LSS C . -3.42 -6.65 -11.96
N7 LSS C . -8.80 -1.93 -3.12
C8 LSS C . -8.13 -2.01 -4.26
C9 LSS C . -4.02 -5.91 -10.72
N9 LSS C . -7.33 -0.95 -4.39
CA LSS C . -5.28 -6.64 -10.23
C10 LSS C . -2.81 -5.67 -12.99
C11 LSS C . -2.41 -7.74 -11.54
O1A LSS C . -8.36 -5.27 -6.04
C21 LSS C . -6.47 -0.68 -5.48
C22 LSS C . -5.29 -1.85 -5.54
C23 LSS C . -5.11 -2.15 -6.73
C24 LSS C . -6.40 -1.62 -7.53
C25 LSS C . -7.20 -2.67 -8.02
O2A LSS C . -9.61 -5.44 -7.96
P PO4 D . -12.59 -8.73 -3.60
O1 PO4 D . -13.20 -9.95 -2.92
O2 PO4 D . -11.18 -9.07 -4.05
O3 PO4 D . -12.53 -7.59 -2.62
O4 PO4 D . -13.42 -8.36 -4.78
#